data_4EX5
#
_entry.id   4EX5
#
_cell.length_a   86.220
_cell.length_b   118.540
_cell.length_c   94.540
_cell.angle_alpha   90.000
_cell.angle_beta   113.230
_cell.angle_gamma   90.000
#
_symmetry.space_group_name_H-M   'P 1 21 1'
#
loop_
_entity.id
_entity.type
_entity.pdbx_description
1 polymer 'Lysine--tRNA ligase'
2 non-polymer LYSINE
3 water water
#
_entity_poly.entity_id   1
_entity_poly.type   'polypeptide(L)'
_entity_poly.pdbx_seq_one_letter_code
;MAHHHHHHMGTLEAQTQGPGSMTEPIQPQAAVAADENQIVAERRDKLRALRDQGIAYPNDFQPTHHAADLQTAYADADKE
ALEAKSLEVAIAGRMMLKRVMGKASFATVQDGSGQIQFFVTPADVGAETYDAFKKWDLGDIVAARGVLFRTNKGELSVKC
TQLRLLAKALRPLPDKFHGLADQETRYRQRYVDLIVTPETRTTFRARTKAIASIRKFMGDADFMEVETPMLHPIPGGAAA
KPFVTHHNALDMEMFLRIAPELYLKRLIVGGFERVFEINRNFRNEGVSPRHNPEFTMMEFYAAYTDYRWLMDFTERLIRQ
AAVDALGTATIQYQGRELDLAQPFHRLTITQAIQKYAPSYTDGQLSDDAFLRSELKRLGVDVTQPAFLNAGIGALQLALF
EETAEAQLWEPTFIIDYPIEVSPLARESDTVAGITERFELFITGREIANGFSELNDPEDQAARFKKQVEQKDAGDEEAMF
FDADYIRALEYGMPPTGGCGIGIDRLVMLLTDSPTIRDVLLFPHLRRED
;
_entity_poly.pdbx_strand_id   A,B
#
# COMPACT_ATOMS: atom_id res chain seq x y z
N GLU A 36 -7.33 34.53 -20.72
CA GLU A 36 -7.26 33.07 -20.31
C GLU A 36 -7.70 32.12 -21.43
N ASN A 37 -8.96 32.18 -21.81
CA ASN A 37 -9.41 31.50 -23.03
C ASN A 37 -8.75 31.99 -24.31
N GLN A 38 -8.50 33.30 -24.43
CA GLN A 38 -7.81 33.82 -25.62
C GLN A 38 -6.36 33.26 -25.66
N ILE A 39 -5.73 33.15 -24.50
CA ILE A 39 -4.37 32.63 -24.42
C ILE A 39 -4.35 31.16 -24.85
N VAL A 40 -5.29 30.36 -24.36
CA VAL A 40 -5.40 28.96 -24.69
C VAL A 40 -5.59 28.83 -26.21
N ALA A 41 -6.52 29.64 -26.75
CA ALA A 41 -6.85 29.65 -28.19
C ALA A 41 -5.63 29.98 -29.04
N GLU A 42 -4.88 30.96 -28.62
CA GLU A 42 -3.69 31.31 -29.31
C GLU A 42 -2.69 30.13 -29.29
N ARG A 43 -2.54 29.50 -28.12
CA ARG A 43 -1.63 28.37 -28.01
C ARG A 43 -2.15 27.18 -28.81
N ARG A 44 -3.44 26.98 -28.79
CA ARG A 44 -4.06 25.92 -29.59
C ARG A 44 -3.81 26.12 -31.09
N ASP A 45 -3.78 27.37 -31.53
CA ASP A 45 -3.54 27.68 -32.93
C ASP A 45 -2.09 27.36 -33.29
N LYS A 46 -1.17 27.65 -32.38
CA LYS A 46 0.24 27.28 -32.63
C LYS A 46 0.36 25.77 -32.76
N LEU A 47 -0.33 25.04 -31.87
CA LEU A 47 -0.34 23.56 -31.93
C LEU A 47 -0.86 23.09 -33.28
N ARG A 48 -1.96 23.68 -33.76
CA ARG A 48 -2.47 23.35 -35.11
C ARG A 48 -1.38 23.48 -36.17
N ALA A 49 -0.67 24.61 -36.18
CA ALA A 49 0.40 24.84 -37.18
C ALA A 49 1.53 23.82 -37.01
N LEU A 50 1.92 23.61 -35.77
CA LEU A 50 2.91 22.61 -35.41
C LEU A 50 2.62 21.23 -35.99
N ARG A 51 1.37 20.78 -35.94
CA ARG A 51 1.02 19.49 -36.54
C ARG A 51 1.16 19.47 -38.06
N ASP A 52 0.93 20.59 -38.74
CA ASP A 52 1.08 20.63 -40.21
C ASP A 52 2.54 20.47 -40.64
N GLN A 53 3.50 20.77 -39.75
CA GLN A 53 4.91 20.70 -40.12
C GLN A 53 5.75 19.58 -39.47
N GLY A 54 5.11 18.63 -38.80
CA GLY A 54 5.84 17.50 -38.21
C GLY A 54 5.13 16.83 -37.04
N ILE A 55 5.90 16.11 -36.22
CA ILE A 55 5.38 15.35 -35.09
C ILE A 55 5.23 16.33 -33.92
N ALA A 56 4.00 16.64 -33.50
CA ALA A 56 3.79 17.70 -32.52
C ALA A 56 4.24 17.27 -31.15
N TYR A 57 4.09 15.96 -30.88
CA TYR A 57 4.41 15.34 -29.60
C TYR A 57 5.45 14.24 -29.76
N PRO A 58 6.67 14.61 -30.11
CA PRO A 58 7.70 13.59 -30.31
C PRO A 58 8.10 12.88 -29.02
N ASN A 59 8.52 11.62 -29.12
CA ASN A 59 8.98 10.87 -27.94
C ASN A 59 10.36 10.20 -28.08
N ASP A 60 11.23 10.81 -28.86
CA ASP A 60 12.55 10.24 -29.11
C ASP A 60 13.68 10.90 -28.34
N PHE A 61 13.45 12.03 -27.69
CA PHE A 61 14.54 12.73 -27.03
C PHE A 61 14.92 12.07 -25.71
N GLN A 62 16.20 11.87 -25.48
CA GLN A 62 16.69 11.22 -24.28
C GLN A 62 17.60 12.12 -23.49
N PRO A 63 17.14 12.72 -22.41
CA PRO A 63 18.05 13.52 -21.60
C PRO A 63 19.19 12.68 -21.02
N THR A 64 20.37 13.28 -20.86
CA THR A 64 21.55 12.62 -20.30
C THR A 64 21.91 13.12 -18.91
N HIS A 65 21.39 14.27 -18.48
CA HIS A 65 21.77 14.85 -17.20
C HIS A 65 20.61 15.49 -16.50
N HIS A 66 20.82 15.77 -15.21
CA HIS A 66 19.85 16.48 -14.41
C HIS A 66 20.37 17.84 -13.96
N ALA A 67 19.55 18.87 -14.13
CA ALA A 67 19.90 20.23 -13.73
C ALA A 67 20.51 20.26 -12.32
N ALA A 68 19.82 19.65 -11.34
CA ALA A 68 20.31 19.67 -9.93
C ALA A 68 21.72 19.13 -9.80
N ASP A 69 22.02 18.06 -10.52
CA ASP A 69 23.32 17.40 -10.46
C ASP A 69 24.40 18.24 -11.10
N LEU A 70 24.05 18.98 -12.15
CA LEU A 70 25.01 19.91 -12.74
C LEU A 70 25.25 21.09 -11.81
N GLN A 71 24.20 21.57 -11.15
CA GLN A 71 24.37 22.72 -10.24
C GLN A 71 25.27 22.35 -9.04
N THR A 72 25.17 21.11 -8.57
CA THR A 72 26.01 20.66 -7.49
C THR A 72 27.45 20.41 -7.96
N ALA A 73 27.61 19.58 -9.00
CA ALA A 73 28.93 19.13 -9.44
C ALA A 73 29.80 20.23 -10.04
N TYR A 74 29.21 21.35 -10.46
CA TYR A 74 29.96 22.43 -11.09
C TYR A 74 29.69 23.78 -10.43
N ALA A 75 29.29 23.77 -9.16
CA ALA A 75 29.13 25.04 -8.43
C ALA A 75 30.43 25.84 -8.39
N ASP A 76 31.55 25.17 -8.16
CA ASP A 76 32.86 25.86 -7.95
C ASP A 76 33.65 26.07 -9.22
N ALA A 77 33.16 25.61 -10.36
CA ALA A 77 33.88 25.75 -11.63
C ALA A 77 33.57 27.12 -12.22
N ASP A 78 34.53 27.71 -12.93
CA ASP A 78 34.37 29.07 -13.49
C ASP A 78 34.42 29.06 -15.04
N LYS A 79 34.23 30.23 -15.65
CA LYS A 79 34.12 30.33 -17.12
C LYS A 79 35.22 29.53 -17.80
N GLU A 80 36.44 29.68 -17.28
CA GLU A 80 37.63 29.07 -17.88
C GLU A 80 37.64 27.55 -17.62
N ALA A 81 37.44 27.16 -16.37
CA ALA A 81 37.36 25.74 -16.01
C ALA A 81 36.37 25.03 -16.96
N LEU A 82 35.16 25.57 -17.06
CA LEU A 82 34.10 25.00 -17.90
C LEU A 82 34.44 24.97 -19.39
N GLU A 83 35.15 25.98 -19.89
CA GLU A 83 35.59 25.98 -21.30
C GLU A 83 36.58 24.87 -21.60
N ALA A 84 37.43 24.53 -20.63
CA ALA A 84 38.39 23.41 -20.75
C ALA A 84 37.68 22.05 -20.71
N LYS A 85 36.93 21.80 -19.62
CA LYS A 85 36.07 20.60 -19.52
C LYS A 85 35.18 20.47 -20.76
N SER A 86 34.56 21.57 -21.18
CA SER A 86 33.75 21.56 -22.39
C SER A 86 32.65 20.44 -22.35
N LEU A 87 31.98 20.30 -21.21
CA LEU A 87 31.01 19.20 -20.99
C LEU A 87 29.75 19.33 -21.84
N GLU A 88 29.49 18.31 -22.65
CA GLU A 88 28.30 18.19 -23.46
C GLU A 88 27.14 17.58 -22.62
N VAL A 89 26.00 18.26 -22.56
CA VAL A 89 24.83 17.81 -21.80
C VAL A 89 23.57 17.83 -22.64
N ALA A 90 22.57 17.09 -22.17
CA ALA A 90 21.25 17.07 -22.81
C ALA A 90 20.20 17.11 -21.68
N ILE A 91 19.34 18.13 -21.74
CA ILE A 91 18.38 18.45 -20.70
C ILE A 91 16.98 18.60 -21.32
N ALA A 92 15.95 18.13 -20.63
CA ALA A 92 14.58 18.33 -21.05
C ALA A 92 13.79 18.75 -19.81
N GLY A 93 12.83 19.65 -19.97
CA GLY A 93 12.03 20.13 -18.85
C GLY A 93 11.07 21.26 -19.30
N ARG A 94 10.50 21.95 -18.32
CA ARG A 94 9.47 22.92 -18.56
C ARG A 94 10.12 24.29 -18.61
N MET A 95 9.81 25.08 -19.64
CA MET A 95 10.38 26.42 -19.79
C MET A 95 9.67 27.36 -18.87
N MET A 96 10.37 27.85 -17.85
CA MET A 96 9.78 28.70 -16.77
C MET A 96 9.99 30.21 -16.97
N LEU A 97 11.04 30.59 -17.70
CA LEU A 97 11.31 31.99 -18.05
C LEU A 97 11.94 32.04 -19.43
N LYS A 98 11.72 33.15 -20.13
CA LYS A 98 12.27 33.32 -21.45
C LYS A 98 12.45 34.81 -21.70
N ARG A 99 13.62 35.17 -22.17
CA ARG A 99 13.98 36.55 -22.44
C ARG A 99 14.59 36.57 -23.83
N VAL A 100 14.00 37.34 -24.75
CA VAL A 100 14.49 37.42 -26.13
C VAL A 100 15.06 38.79 -26.43
N MET A 101 16.31 38.84 -26.89
CA MET A 101 17.00 40.13 -27.13
C MET A 101 17.72 40.09 -28.45
N GLY A 102 16.96 40.21 -29.52
CA GLY A 102 17.56 40.23 -30.86
C GLY A 102 18.22 38.92 -31.17
N LYS A 103 19.53 38.94 -31.42
CA LYS A 103 20.28 37.76 -31.86
C LYS A 103 20.58 36.77 -30.73
N ALA A 104 20.21 37.10 -29.48
CA ALA A 104 20.47 36.20 -28.35
C ALA A 104 19.25 36.13 -27.44
N SER A 105 19.01 34.94 -26.87
CA SER A 105 17.90 34.69 -25.98
C SER A 105 18.30 33.76 -24.81
N PHE A 106 17.66 33.94 -23.66
CA PHE A 106 17.95 33.15 -22.46
C PHE A 106 16.64 32.56 -21.96
N ALA A 107 16.64 31.28 -21.57
CA ALA A 107 15.52 30.61 -20.88
C ALA A 107 15.94 29.89 -19.60
N THR A 108 14.98 29.68 -18.70
CA THR A 108 15.21 28.87 -17.53
C THR A 108 14.35 27.64 -17.67
N VAL A 109 14.98 26.48 -17.62
CA VAL A 109 14.28 25.23 -17.83
C VAL A 109 14.31 24.43 -16.54
N GLN A 110 13.17 23.88 -16.19
CA GLN A 110 13.00 23.11 -14.95
C GLN A 110 12.69 21.67 -15.23
N ASP A 111 13.58 20.78 -14.83
CA ASP A 111 13.34 19.35 -14.92
C ASP A 111 12.91 18.83 -13.56
N GLY A 112 12.83 17.51 -13.41
CA GLY A 112 12.41 16.90 -12.16
C GLY A 112 13.27 17.23 -10.96
N SER A 113 14.53 17.58 -11.20
CA SER A 113 15.54 17.83 -10.16
C SER A 113 15.70 19.32 -9.78
N GLY A 114 15.48 20.22 -10.73
CA GLY A 114 15.77 21.64 -10.54
C GLY A 114 15.83 22.47 -11.82
N GLN A 115 16.56 23.57 -11.77
CA GLN A 115 16.61 24.57 -12.84
C GLN A 115 18.03 24.82 -13.38
N ILE A 116 18.10 25.09 -14.68
CA ILE A 116 19.30 25.49 -15.37
C ILE A 116 18.92 26.41 -16.54
N GLN A 117 19.85 27.29 -16.94
CA GLN A 117 19.61 28.18 -18.05
C GLN A 117 20.00 27.56 -19.37
N PHE A 118 19.23 27.90 -20.41
CA PHE A 118 19.55 27.64 -21.80
C PHE A 118 19.93 29.01 -22.40
N PHE A 119 21.08 29.09 -23.05
CA PHE A 119 21.46 30.27 -23.84
C PHE A 119 21.31 29.91 -25.32
N VAL A 120 20.64 30.77 -26.09
CA VAL A 120 20.22 30.47 -27.47
C VAL A 120 20.62 31.57 -28.48
N THR A 121 21.46 31.20 -29.46
CA THR A 121 21.77 32.08 -30.62
C THR A 121 21.58 31.31 -31.93
N PRO A 122 21.15 32.00 -32.99
CA PRO A 122 20.96 31.32 -34.27
C PRO A 122 22.27 30.75 -34.86
N ALA A 123 23.40 31.39 -34.57
CA ALA A 123 24.71 30.83 -34.98
C ALA A 123 24.86 29.38 -34.53
N ASP A 124 24.41 29.03 -33.34
CA ASP A 124 24.68 27.70 -32.77
C ASP A 124 23.53 26.69 -32.94
N VAL A 125 22.33 27.23 -33.07
CA VAL A 125 21.11 26.45 -33.08
C VAL A 125 20.49 26.48 -34.49
N GLY A 126 20.94 27.43 -35.32
CA GLY A 126 20.43 27.57 -36.68
C GLY A 126 19.25 28.54 -36.76
N ALA A 127 19.14 29.27 -37.85
CA ALA A 127 18.14 30.35 -37.95
C ALA A 127 16.70 29.85 -37.81
N GLU A 128 16.37 28.72 -38.44
CA GLU A 128 14.99 28.19 -38.44
C GLU A 128 14.54 27.81 -37.01
N THR A 129 15.44 27.19 -36.25
CA THR A 129 15.17 26.80 -34.88
C THR A 129 15.08 28.04 -33.99
N TYR A 130 16.01 28.95 -34.17
CA TYR A 130 15.97 30.18 -33.43
C TYR A 130 14.65 30.86 -33.62
N ASP A 131 14.18 30.95 -34.88
CA ASP A 131 12.89 31.61 -35.14
C ASP A 131 11.76 30.86 -34.48
N ALA A 132 11.77 29.54 -34.56
CA ALA A 132 10.69 28.76 -33.95
C ALA A 132 10.73 28.90 -32.37
N PHE A 133 11.93 28.86 -31.80
CA PHE A 133 12.11 29.01 -30.38
C PHE A 133 11.44 30.26 -29.82
N LYS A 134 11.61 31.38 -30.54
CA LYS A 134 11.09 32.67 -30.07
C LYS A 134 9.59 32.68 -29.94
N LYS A 135 8.92 31.81 -30.68
CA LYS A 135 7.46 31.73 -30.65
C LYS A 135 6.93 30.60 -29.72
N TRP A 136 7.82 29.90 -29.02
CA TRP A 136 7.38 28.99 -27.96
C TRP A 136 6.90 29.79 -26.77
N ASP A 137 6.33 29.09 -25.78
CA ASP A 137 5.65 29.72 -24.62
C ASP A 137 6.12 29.23 -23.26
N LEU A 138 6.06 30.09 -22.27
CA LEU A 138 6.29 29.67 -20.87
C LEU A 138 5.36 28.48 -20.60
N GLY A 139 5.89 27.42 -20.03
CA GLY A 139 5.11 26.21 -19.81
C GLY A 139 5.51 25.07 -20.75
N ASP A 140 5.99 25.40 -21.96
CA ASP A 140 6.21 24.36 -22.98
C ASP A 140 7.27 23.43 -22.42
N ILE A 141 7.18 22.16 -22.76
CA ILE A 141 8.24 21.23 -22.50
C ILE A 141 9.22 21.30 -23.66
N VAL A 142 10.46 21.62 -23.33
CA VAL A 142 11.48 21.86 -24.33
C VAL A 142 12.68 21.00 -23.96
N ALA A 143 13.60 20.90 -24.91
CA ALA A 143 14.78 20.05 -24.75
C ALA A 143 15.96 20.67 -25.53
N ALA A 144 17.17 20.49 -25.01
CA ALA A 144 18.36 21.03 -25.62
C ALA A 144 19.53 20.08 -25.42
N ARG A 145 20.45 20.08 -26.39
CA ARG A 145 21.82 19.63 -26.21
C ARG A 145 22.74 20.85 -26.34
N GLY A 146 23.88 20.80 -25.68
CA GLY A 146 24.84 21.89 -25.72
C GLY A 146 25.95 21.76 -24.68
N VAL A 147 26.81 22.76 -24.66
CA VAL A 147 27.96 22.74 -23.81
C VAL A 147 27.66 23.52 -22.56
N LEU A 148 28.10 23.00 -21.42
CA LEU A 148 27.90 23.67 -20.18
C LEU A 148 28.85 24.85 -20.13
N PHE A 149 28.40 25.95 -19.56
CA PHE A 149 29.25 27.13 -19.39
C PHE A 149 28.70 28.04 -18.29
N ARG A 150 29.46 29.06 -17.94
CA ARG A 150 29.00 30.00 -16.96
C ARG A 150 28.82 31.35 -17.61
N THR A 151 27.70 32.00 -17.36
CA THR A 151 27.43 33.33 -17.93
C THR A 151 28.21 34.41 -17.18
N ASN A 152 28.37 35.56 -17.84
CA ASN A 152 29.04 36.72 -17.22
C ASN A 152 28.37 37.13 -15.89
N LYS A 153 27.04 36.97 -15.79
CA LYS A 153 26.31 37.21 -14.52
C LYS A 153 26.49 36.09 -13.46
N GLY A 154 27.25 35.03 -13.79
CA GLY A 154 27.56 33.95 -12.81
C GLY A 154 26.74 32.66 -12.88
N GLU A 155 25.67 32.63 -13.67
CA GLU A 155 24.75 31.48 -13.72
C GLU A 155 25.30 30.35 -14.59
N LEU A 156 24.97 29.13 -14.19
CA LEU A 156 25.29 27.95 -14.97
C LEU A 156 24.28 27.83 -16.13
N SER A 157 24.76 27.49 -17.34
CA SER A 157 23.90 27.50 -18.50
C SER A 157 24.36 26.56 -19.62
N VAL A 158 23.45 26.24 -20.55
CA VAL A 158 23.74 25.39 -21.71
C VAL A 158 23.80 26.26 -22.97
N LYS A 159 24.95 26.25 -23.65
CA LYS A 159 25.07 26.86 -24.96
C LYS A 159 24.41 25.91 -25.94
N CYS A 160 23.15 26.16 -26.27
CA CYS A 160 22.40 25.16 -27.03
C CYS A 160 22.96 25.03 -28.45
N THR A 161 23.24 23.80 -28.86
CA THR A 161 23.53 23.47 -30.25
C THR A 161 22.35 22.73 -30.88
N GLN A 162 21.44 22.22 -30.05
CA GLN A 162 20.18 21.66 -30.56
C GLN A 162 19.08 22.06 -29.58
N LEU A 163 17.92 22.37 -30.11
CA LEU A 163 16.83 22.90 -29.31
C LEU A 163 15.53 22.48 -29.94
N ARG A 164 14.65 21.86 -29.14
CA ARG A 164 13.41 21.28 -29.62
C ARG A 164 12.25 21.51 -28.68
N LEU A 165 11.06 21.54 -29.27
CA LEU A 165 9.82 21.58 -28.52
C LEU A 165 9.31 20.14 -28.42
N LEU A 166 9.10 19.62 -27.22
CA LEU A 166 8.59 18.25 -27.05
C LEU A 166 7.08 18.24 -26.82
N ALA A 167 6.54 19.21 -26.07
CA ALA A 167 5.09 19.23 -25.83
C ALA A 167 4.61 20.65 -25.57
N LYS A 168 3.59 21.06 -26.33
CA LYS A 168 3.04 22.41 -26.19
C LYS A 168 2.21 22.51 -24.91
N ALA A 169 2.46 23.55 -24.11
CA ALA A 169 1.58 23.93 -23.03
C ALA A 169 0.45 24.80 -23.61
N LEU A 170 -0.78 24.29 -23.58
CA LEU A 170 -1.92 24.98 -24.10
C LEU A 170 -2.51 25.90 -23.03
N ARG A 171 -2.32 25.54 -21.78
CA ARG A 171 -2.73 26.39 -20.67
C ARG A 171 -1.51 27.02 -20.06
N PRO A 172 -1.58 28.32 -19.77
CA PRO A 172 -0.42 29.03 -19.21
C PRO A 172 -0.22 28.70 -17.75
N LEU A 173 1.00 28.89 -17.26
CA LEU A 173 1.27 28.79 -15.81
C LEU A 173 0.78 30.03 -15.11
N PRO A 174 0.33 29.88 -13.87
CA PRO A 174 -0.04 31.07 -13.08
C PRO A 174 1.20 31.79 -12.52
N ASP A 175 1.10 33.12 -12.40
CA ASP A 175 2.20 33.99 -11.97
C ASP A 175 1.66 35.01 -10.98
N ASP A 182 -6.97 31.11 -4.83
CA ASP A 182 -5.65 30.54 -4.99
C ASP A 182 -5.38 29.46 -3.91
N GLN A 183 -5.93 29.63 -2.71
CA GLN A 183 -5.58 28.78 -1.55
C GLN A 183 -5.96 27.27 -1.68
N GLU A 184 -6.96 26.98 -2.52
CA GLU A 184 -7.45 25.61 -2.71
C GLU A 184 -6.96 24.96 -4.00
N THR A 185 -6.51 25.79 -4.93
CA THR A 185 -5.98 25.38 -6.25
C THR A 185 -4.80 24.43 -6.11
N ARG A 186 -4.01 24.70 -5.09
CA ARG A 186 -2.93 23.84 -4.68
C ARG A 186 -3.40 22.36 -4.66
N TYR A 187 -4.56 22.12 -4.05
CA TYR A 187 -5.10 20.76 -3.89
C TYR A 187 -5.92 20.26 -5.10
N ARG A 188 -6.66 21.16 -5.77
CA ARG A 188 -7.43 20.73 -6.93
C ARG A 188 -6.53 20.52 -8.14
N GLN A 189 -5.37 21.17 -8.13
CA GLN A 189 -4.45 21.11 -9.24
C GLN A 189 -3.05 21.00 -8.65
N ARG A 190 -2.84 19.94 -7.90
CA ARG A 190 -1.54 19.62 -7.37
C ARG A 190 -0.45 19.61 -8.43
N TYR A 191 -0.77 19.22 -9.64
CA TYR A 191 0.20 19.26 -10.72
C TYR A 191 0.68 20.72 -10.95
N VAL A 192 -0.20 21.70 -10.81
CA VAL A 192 0.25 23.09 -10.91
C VAL A 192 1.14 23.45 -9.72
N ASP A 193 0.72 23.06 -8.53
CA ASP A 193 1.48 23.36 -7.33
C ASP A 193 2.86 22.75 -7.39
N LEU A 194 2.94 21.54 -7.95
CA LEU A 194 4.22 20.89 -8.11
C LEU A 194 5.18 21.62 -9.11
N ILE A 195 4.65 22.24 -10.14
CA ILE A 195 5.48 22.94 -11.14
C ILE A 195 6.03 24.22 -10.56
N VAL A 196 5.19 24.89 -9.79
CA VAL A 196 5.38 26.26 -9.42
C VAL A 196 5.95 26.42 -7.98
N THR A 197 5.82 25.40 -7.12
CA THR A 197 6.29 25.52 -5.73
C THR A 197 7.31 24.42 -5.44
N PRO A 198 8.61 24.76 -5.43
CA PRO A 198 9.57 23.68 -5.15
C PRO A 198 9.44 23.07 -3.77
N GLU A 199 8.98 23.83 -2.78
CA GLU A 199 8.76 23.31 -1.44
C GLU A 199 7.84 22.06 -1.48
N THR A 200 6.82 22.09 -2.34
CA THR A 200 5.85 21.01 -2.43
C THR A 200 6.52 19.73 -2.89
N ARG A 201 7.33 19.84 -3.94
CA ARG A 201 8.12 18.69 -4.39
C ARG A 201 8.99 18.10 -3.25
N THR A 202 9.62 18.99 -2.51
CA THR A 202 10.44 18.59 -1.35
C THR A 202 9.63 17.85 -0.28
N THR A 203 8.46 18.35 0.08
CA THR A 203 7.61 17.67 1.07
C THR A 203 7.31 16.22 0.65
N PHE A 204 6.95 16.02 -0.59
CA PHE A 204 6.60 14.69 -1.05
C PHE A 204 7.77 13.74 -1.24
N ARG A 205 8.93 14.27 -1.61
CA ARG A 205 10.11 13.44 -1.55
C ARG A 205 10.40 13.01 -0.14
N ALA A 206 10.19 13.91 0.85
CA ALA A 206 10.42 13.55 2.24
C ALA A 206 9.39 12.52 2.76
N ARG A 207 8.14 12.60 2.28
CA ARG A 207 7.12 11.64 2.66
C ARG A 207 7.62 10.26 2.25
N THR A 208 8.05 10.14 0.99
CA THR A 208 8.49 8.89 0.46
C THR A 208 9.65 8.34 1.27
N LYS A 209 10.65 9.19 1.55
CA LYS A 209 11.81 8.74 2.32
C LYS A 209 11.42 8.33 3.75
N ALA A 210 10.51 9.07 4.37
CA ALA A 210 10.11 8.72 5.72
C ALA A 210 9.41 7.34 5.78
N ILE A 211 8.60 7.01 4.78
CA ILE A 211 7.90 5.77 4.78
C ILE A 211 8.89 4.63 4.55
N ALA A 212 9.85 4.81 3.63
CA ALA A 212 10.96 3.80 3.48
C ALA A 212 11.71 3.59 4.79
N SER A 213 11.92 4.68 5.53
CA SER A 213 12.69 4.62 6.77
C SER A 213 11.87 3.86 7.82
N ILE A 214 10.56 4.05 7.81
CA ILE A 214 9.72 3.32 8.75
C ILE A 214 9.73 1.82 8.41
N ARG A 215 9.64 1.47 7.13
CA ARG A 215 9.70 0.05 6.71
C ARG A 215 10.98 -0.59 7.20
N LYS A 216 12.09 0.13 7.09
CA LYS A 216 13.41 -0.39 7.48
C LYS A 216 13.45 -0.63 8.96
N PHE A 217 12.94 0.32 9.72
CA PHE A 217 12.86 0.15 11.16
C PHE A 217 12.03 -1.09 11.51
N MET A 218 10.88 -1.26 10.86
CA MET A 218 10.02 -2.39 11.18
C MET A 218 10.70 -3.73 10.82
N GLY A 219 11.32 -3.76 9.63
CA GLY A 219 12.04 -4.96 9.17
C GLY A 219 13.20 -5.31 10.08
N ASP A 220 13.97 -4.32 10.54
CA ASP A 220 15.06 -4.56 11.49
C ASP A 220 14.56 -5.13 12.81
N ALA A 221 13.31 -4.81 13.19
CA ALA A 221 12.72 -5.31 14.41
C ALA A 221 11.96 -6.62 14.15
N ASP A 222 12.21 -7.25 12.99
CA ASP A 222 11.61 -8.53 12.67
C ASP A 222 10.13 -8.61 12.34
N PHE A 223 9.54 -7.53 11.89
CA PHE A 223 8.15 -7.57 11.46
C PHE A 223 8.05 -7.92 9.97
N MET A 224 7.10 -8.79 9.66
CA MET A 224 6.75 -9.16 8.31
C MET A 224 5.65 -8.23 7.76
N GLU A 225 5.94 -7.52 6.68
CA GLU A 225 4.94 -6.70 6.01
C GLU A 225 3.93 -7.55 5.26
N VAL A 226 2.63 -7.34 5.53
CA VAL A 226 1.55 -8.09 4.87
C VAL A 226 0.49 -7.21 4.24
N GLU A 227 -0.30 -7.83 3.38
CA GLU A 227 -1.41 -7.16 2.75
C GLU A 227 -2.69 -7.92 3.11
N THR A 228 -3.59 -7.21 3.79
CA THR A 228 -4.91 -7.73 4.11
C THR A 228 -5.98 -6.97 3.28
N PRO A 229 -7.22 -7.48 3.27
CA PRO A 229 -8.24 -6.93 2.38
C PRO A 229 -8.58 -5.49 2.68
N MET A 230 -8.90 -4.76 1.62
CA MET A 230 -9.56 -3.45 1.73
C MET A 230 -11.10 -3.57 1.70
N LEU A 231 -11.61 -4.73 1.24
CA LEU A 231 -13.07 -4.95 1.22
C LEU A 231 -13.40 -5.96 2.27
N HIS A 232 -14.26 -5.56 3.21
CA HIS A 232 -14.63 -6.37 4.36
C HIS A 232 -16.09 -6.66 4.32
N PRO A 233 -16.52 -7.90 4.62
CA PRO A 233 -17.96 -8.15 4.63
C PRO A 233 -18.60 -7.55 5.84
N ILE A 234 -17.81 -7.40 6.89
CA ILE A 234 -18.23 -6.74 8.11
C ILE A 234 -17.10 -5.76 8.51
N PRO A 235 -17.37 -4.45 8.47
CA PRO A 235 -16.35 -3.49 8.87
C PRO A 235 -16.06 -3.61 10.34
N GLY A 236 -14.83 -3.32 10.74
CA GLY A 236 -14.46 -3.33 12.15
C GLY A 236 -13.04 -2.88 12.36
N GLY A 237 -12.61 -2.97 13.62
CA GLY A 237 -11.25 -2.64 14.02
C GLY A 237 -11.09 -1.19 14.35
N ALA A 238 -12.19 -0.45 14.29
CA ALA A 238 -12.11 0.98 14.64
C ALA A 238 -13.55 1.49 14.94
N ALA A 239 -13.65 2.65 15.57
CA ALA A 239 -14.93 3.33 15.83
C ALA A 239 -15.12 4.36 14.72
N ALA A 240 -15.83 4.01 13.65
CA ALA A 240 -15.95 4.95 12.51
C ALA A 240 -17.09 4.61 11.62
N LYS A 241 -17.65 5.60 10.91
CA LYS A 241 -18.61 5.31 9.83
C LYS A 241 -17.91 4.81 8.56
N PRO A 242 -18.37 3.68 8.01
CA PRO A 242 -17.73 3.10 6.81
C PRO A 242 -18.31 3.63 5.53
N PHE A 243 -17.56 3.47 4.44
CA PHE A 243 -18.09 3.53 3.09
C PHE A 243 -18.57 2.14 2.73
N VAL A 244 -19.72 2.07 2.05
CA VAL A 244 -20.30 0.80 1.60
C VAL A 244 -20.30 0.74 0.09
N THR A 245 -20.04 -0.43 -0.45
CA THR A 245 -20.20 -0.63 -1.89
C THR A 245 -20.95 -1.94 -2.09
N HIS A 246 -21.09 -2.39 -3.33
CA HIS A 246 -21.90 -3.56 -3.60
C HIS A 246 -21.34 -4.37 -4.71
N HIS A 247 -21.11 -5.65 -4.42
CA HIS A 247 -20.60 -6.57 -5.41
C HIS A 247 -21.77 -7.10 -6.18
N ASN A 248 -21.79 -6.83 -7.49
CA ASN A 248 -22.96 -7.14 -8.32
C ASN A 248 -23.17 -8.62 -8.57
N ALA A 249 -22.10 -9.34 -8.88
CA ALA A 249 -22.27 -10.74 -9.26
C ALA A 249 -22.87 -11.54 -8.10
N LEU A 250 -22.44 -11.25 -6.87
CA LEU A 250 -22.91 -11.95 -5.68
C LEU A 250 -24.07 -11.27 -4.97
N ASP A 251 -24.52 -10.14 -5.49
CA ASP A 251 -25.51 -9.31 -4.81
C ASP A 251 -25.15 -9.14 -3.33
N MET A 252 -23.96 -8.62 -3.06
CA MET A 252 -23.44 -8.56 -1.68
C MET A 252 -22.91 -7.18 -1.28
N GLU A 253 -23.45 -6.63 -0.21
CA GLU A 253 -22.88 -5.45 0.42
C GLU A 253 -21.48 -5.75 0.94
N MET A 254 -20.52 -4.86 0.67
CA MET A 254 -19.13 -4.96 1.15
C MET A 254 -18.66 -3.60 1.55
N PHE A 255 -17.80 -3.54 2.56
CA PHE A 255 -17.43 -2.27 3.14
C PHE A 255 -15.97 -2.03 2.90
N LEU A 256 -15.62 -0.79 2.60
CA LEU A 256 -14.22 -0.44 2.55
C LEU A 256 -13.74 -0.39 3.99
N ARG A 257 -12.53 -0.91 4.21
CA ARG A 257 -12.05 -1.11 5.58
C ARG A 257 -11.90 0.18 6.36
N ILE A 258 -12.34 0.17 7.60
CA ILE A 258 -12.02 1.27 8.51
C ILE A 258 -10.71 0.97 9.19
N ALA A 259 -10.26 -0.29 9.13
CA ALA A 259 -9.01 -0.70 9.77
C ALA A 259 -8.79 -2.16 9.43
N PRO A 260 -7.52 -2.58 9.37
CA PRO A 260 -7.17 -3.98 9.08
C PRO A 260 -6.99 -4.84 10.31
N GLU A 261 -7.18 -4.26 11.49
CA GLU A 261 -6.89 -4.89 12.77
C GLU A 261 -7.32 -6.35 12.94
N LEU A 262 -8.58 -6.64 12.65
CA LEU A 262 -9.13 -7.98 12.89
C LEU A 262 -8.51 -9.00 11.95
N TYR A 263 -8.15 -8.58 10.74
CA TYR A 263 -7.45 -9.48 9.82
C TYR A 263 -6.00 -9.68 10.27
N LEU A 264 -5.36 -8.64 10.79
CA LEU A 264 -3.98 -8.81 11.24
C LEU A 264 -3.94 -9.75 12.45
N LYS A 265 -4.92 -9.69 13.33
CA LYS A 265 -4.91 -10.62 14.46
C LYS A 265 -5.22 -12.06 14.02
N ARG A 266 -5.92 -12.23 12.90
CA ARG A 266 -6.12 -13.57 12.40
C ARG A 266 -4.79 -14.16 12.00
N LEU A 267 -3.90 -13.32 11.52
CA LEU A 267 -2.56 -13.78 11.17
C LEU A 267 -1.76 -14.22 12.41
N ILE A 268 -1.96 -13.55 13.54
CA ILE A 268 -1.32 -13.92 14.78
C ILE A 268 -1.84 -15.34 15.20
N VAL A 269 -3.14 -15.56 15.08
CA VAL A 269 -3.68 -16.88 15.35
C VAL A 269 -2.97 -17.85 14.44
N GLY A 270 -2.81 -17.47 13.19
CA GLY A 270 -2.17 -18.33 12.21
C GLY A 270 -0.70 -18.59 12.48
N GLY A 271 -0.12 -17.85 13.40
CA GLY A 271 1.23 -18.17 13.82
C GLY A 271 2.34 -17.24 13.34
N PHE A 272 2.03 -16.22 12.55
CA PHE A 272 3.00 -15.15 12.29
C PHE A 272 3.12 -14.30 13.54
N GLU A 273 4.29 -14.25 14.16
CA GLU A 273 4.45 -13.55 15.45
C GLU A 273 4.51 -12.03 15.35
N ARG A 274 5.11 -11.55 14.26
CA ARG A 274 5.29 -10.11 14.02
C ARG A 274 4.88 -9.71 12.61
N VAL A 275 3.76 -9.00 12.52
CA VAL A 275 3.21 -8.54 11.25
C VAL A 275 2.95 -7.03 11.29
N PHE A 276 3.10 -6.40 10.14
CA PHE A 276 2.69 -5.01 9.99
C PHE A 276 2.19 -4.73 8.57
N GLU A 277 1.41 -3.67 8.45
CA GLU A 277 0.80 -3.29 7.20
C GLU A 277 0.75 -1.77 7.19
N ILE A 278 1.13 -1.17 6.05
CA ILE A 278 1.05 0.31 5.85
C ILE A 278 0.14 0.52 4.63
N ASN A 279 -1.05 1.04 4.83
CA ASN A 279 -2.00 1.19 3.72
C ASN A 279 -3.17 2.02 4.16
N ARG A 280 -4.08 2.23 3.23
CA ARG A 280 -5.24 3.09 3.42
C ARG A 280 -6.29 2.48 4.36
N ASN A 281 -6.87 3.37 5.17
CA ASN A 281 -8.18 3.19 5.73
C ASN A 281 -9.14 4.21 5.13
N PHE A 282 -10.43 3.90 5.26
CA PHE A 282 -11.48 4.77 4.74
C PHE A 282 -12.52 5.07 5.82
N ARG A 283 -12.85 6.35 5.99
CA ARG A 283 -13.84 6.78 6.97
C ARG A 283 -14.79 7.82 6.37
N ASN A 284 -16.08 7.49 6.41
CA ASN A 284 -17.14 8.25 5.74
C ASN A 284 -17.75 9.27 6.71
N GLU A 285 -17.09 10.42 6.82
CA GLU A 285 -17.47 11.43 7.83
C GLU A 285 -17.29 12.89 7.32
N GLY A 286 -17.18 13.88 8.21
CA GLY A 286 -17.01 15.29 7.78
C GLY A 286 -15.73 15.56 6.98
N VAL A 287 -15.79 16.52 6.06
CA VAL A 287 -14.60 17.02 5.35
C VAL A 287 -14.07 18.30 6.06
N SER A 288 -12.74 18.45 6.09
CA SER A 288 -12.10 19.68 6.57
C SER A 288 -10.62 19.71 6.14
N PRO A 289 -9.92 20.82 6.40
CA PRO A 289 -8.47 20.85 6.22
C PRO A 289 -7.75 19.74 7.00
N ARG A 290 -8.31 19.33 8.14
CA ARG A 290 -7.75 18.27 8.98
C ARG A 290 -8.36 16.85 8.74
N HIS A 291 -9.22 16.71 7.73
CA HIS A 291 -9.93 15.45 7.47
C HIS A 291 -9.95 15.09 6.02
N ASN A 292 -9.57 13.87 5.72
CA ASN A 292 -9.65 13.31 4.38
C ASN A 292 -10.32 11.96 4.54
N PRO A 293 -11.14 11.57 3.58
CA PRO A 293 -11.84 10.31 3.70
C PRO A 293 -10.97 9.06 3.60
N GLU A 294 -9.78 9.22 3.07
CA GLU A 294 -8.83 8.13 3.06
C GLU A 294 -7.47 8.59 3.56
N PHE A 295 -6.84 7.77 4.38
CA PHE A 295 -5.57 8.16 5.01
C PHE A 295 -4.76 6.91 5.28
N THR A 296 -3.46 7.07 5.45
CA THR A 296 -2.54 5.95 5.61
C THR A 296 -2.18 5.67 7.06
N MET A 297 -2.46 4.44 7.49
CA MET A 297 -2.09 3.96 8.80
C MET A 297 -1.06 2.84 8.69
N MET A 298 -0.20 2.75 9.70
CA MET A 298 0.58 1.54 9.91
C MET A 298 0.05 0.86 11.14
N GLU A 299 -0.33 -0.38 11.03
CA GLU A 299 -0.66 -1.19 12.18
C GLU A 299 0.42 -2.29 12.29
N PHE A 300 0.82 -2.59 13.52
CA PHE A 300 1.72 -3.70 13.77
C PHE A 300 1.29 -4.48 14.99
N TYR A 301 1.52 -5.77 14.94
CA TYR A 301 1.18 -6.72 15.98
C TYR A 301 2.41 -7.60 16.31
N ALA A 302 2.67 -7.72 17.60
CA ALA A 302 3.80 -8.52 18.12
C ALA A 302 3.29 -9.45 19.22
N ALA A 303 3.23 -10.73 18.93
CA ALA A 303 2.91 -11.75 19.93
C ALA A 303 3.81 -11.64 21.14
N TYR A 304 3.26 -11.94 22.31
CA TYR A 304 4.04 -12.02 23.58
C TYR A 304 4.60 -10.68 23.97
N THR A 305 3.93 -9.61 23.55
CA THR A 305 4.19 -8.29 24.06
C THR A 305 2.95 -7.68 24.68
N ASP A 306 3.13 -6.55 25.35
CA ASP A 306 2.00 -5.84 25.96
C ASP A 306 2.13 -4.35 25.74
N TYR A 307 1.22 -3.57 26.32
CA TYR A 307 1.23 -2.13 26.07
C TYR A 307 2.45 -1.37 26.55
N ARG A 308 3.12 -1.83 27.62
CA ARG A 308 4.35 -1.17 28.09
C ARG A 308 5.42 -1.32 26.98
N TRP A 309 5.53 -2.52 26.45
CA TRP A 309 6.46 -2.79 25.34
C TRP A 309 6.11 -1.97 24.12
N LEU A 310 4.81 -1.90 23.81
CA LEU A 310 4.39 -1.15 22.64
C LEU A 310 4.74 0.34 22.77
N MET A 311 4.55 0.91 23.97
CA MET A 311 4.86 2.31 24.18
C MET A 311 6.36 2.54 24.01
N ASP A 312 7.19 1.72 24.62
CA ASP A 312 8.65 1.89 24.43
C ASP A 312 9.00 1.79 22.96
N PHE A 313 8.40 0.83 22.27
CA PHE A 313 8.74 0.57 20.87
C PHE A 313 8.26 1.71 19.95
N THR A 314 7.06 2.21 20.21
CA THR A 314 6.50 3.31 19.41
C THR A 314 7.31 4.61 19.58
N GLU A 315 7.68 4.88 20.83
CA GLU A 315 8.50 6.01 21.17
C GLU A 315 9.83 5.95 20.41
N ARG A 316 10.52 4.82 20.50
CA ARG A 316 11.78 4.64 19.75
C ARG A 316 11.55 4.84 18.25
N LEU A 317 10.47 4.29 17.71
CA LEU A 317 10.23 4.36 16.26
C LEU A 317 10.11 5.83 15.81
N ILE A 318 9.30 6.61 16.52
CA ILE A 318 9.05 7.99 16.16
C ILE A 318 10.32 8.81 16.25
N ARG A 319 11.07 8.66 17.33
CA ARG A 319 12.33 9.39 17.53
C ARG A 319 13.31 9.07 16.40
N GLN A 320 13.49 7.79 16.10
CA GLN A 320 14.32 7.41 14.93
C GLN A 320 13.79 7.96 13.59
N ALA A 321 12.47 8.07 13.46
CA ALA A 321 11.86 8.62 12.25
C ALA A 321 12.30 10.09 12.07
N ALA A 322 12.31 10.86 13.15
CA ALA A 322 12.84 12.22 13.14
C ALA A 322 14.35 12.26 12.80
N VAL A 323 15.15 11.43 13.47
CA VAL A 323 16.61 11.44 13.24
C VAL A 323 16.84 11.15 11.76
N ASP A 324 16.12 10.15 11.23
CA ASP A 324 16.29 9.79 9.83
C ASP A 324 15.92 10.94 8.91
N ALA A 325 14.85 11.66 9.23
CA ALA A 325 14.28 12.60 8.27
C ALA A 325 14.96 13.94 8.39
N LEU A 326 15.36 14.31 9.59
CA LEU A 326 15.84 15.66 9.85
C LEU A 326 17.26 15.74 10.48
N GLY A 327 17.87 14.58 10.75
CA GLY A 327 19.21 14.51 11.34
C GLY A 327 19.21 14.65 12.86
N THR A 328 18.04 14.84 13.44
CA THR A 328 17.97 15.06 14.88
C THR A 328 16.50 14.90 15.30
N ALA A 329 16.30 14.58 16.56
CA ALA A 329 14.96 14.48 17.14
C ALA A 329 14.57 15.78 17.87
N THR A 330 15.51 16.70 17.99
CA THR A 330 15.25 18.00 18.61
C THR A 330 14.96 18.97 17.48
N ILE A 331 13.68 19.23 17.24
CA ILE A 331 13.26 19.94 16.02
C ILE A 331 12.25 21.05 16.34
N GLN A 332 11.67 21.64 15.30
CA GLN A 332 10.59 22.63 15.48
C GLN A 332 9.44 22.30 14.58
N TYR A 333 8.22 22.61 15.03
CA TYR A 333 7.01 22.44 14.23
C TYR A 333 6.20 23.70 14.32
N GLN A 334 5.90 24.28 13.17
CA GLN A 334 5.13 25.53 13.09
C GLN A 334 5.65 26.63 14.03
N GLY A 335 6.96 26.80 14.06
CA GLY A 335 7.61 27.91 14.77
C GLY A 335 7.86 27.64 16.25
N ARG A 336 7.56 26.43 16.72
CA ARG A 336 7.66 26.10 18.14
C ARG A 336 8.52 24.86 18.37
N GLU A 337 9.31 24.89 19.44
CA GLU A 337 10.26 23.80 19.66
C GLU A 337 9.52 22.52 20.00
N LEU A 338 9.96 21.43 19.38
CA LEU A 338 9.37 20.10 19.56
C LEU A 338 10.52 19.11 19.78
N ASP A 339 10.76 18.77 21.04
CA ASP A 339 11.93 17.99 21.38
C ASP A 339 11.56 16.54 21.57
N LEU A 340 11.72 15.76 20.50
CA LEU A 340 11.40 14.35 20.52
C LEU A 340 12.55 13.55 21.13
N ALA A 341 13.70 14.20 21.38
CA ALA A 341 14.82 13.51 22.07
C ALA A 341 14.53 13.21 23.52
N GLN A 342 13.72 14.04 24.18
CA GLN A 342 13.33 13.80 25.59
C GLN A 342 12.47 12.55 25.70
N PRO A 343 12.52 11.89 26.86
CA PRO A 343 11.58 10.80 27.05
C PRO A 343 10.16 11.32 26.94
N PHE A 344 9.24 10.49 26.45
CA PHE A 344 7.85 10.91 26.26
C PHE A 344 7.18 10.92 27.63
N HIS A 345 6.29 11.87 27.84
CA HIS A 345 5.49 11.88 29.05
C HIS A 345 4.55 10.70 29.02
N ARG A 346 4.21 10.18 30.21
CA ARG A 346 3.26 9.10 30.36
C ARG A 346 2.33 9.47 31.48
N LEU A 347 1.06 9.70 31.16
CA LEU A 347 0.07 10.19 32.13
C LEU A 347 -1.23 9.42 32.03
N THR A 348 -1.98 9.37 33.13
CA THR A 348 -3.33 8.84 33.12
C THR A 348 -4.23 9.93 32.61
N ILE A 349 -5.46 9.56 32.27
CA ILE A 349 -6.42 10.51 31.79
C ILE A 349 -6.66 11.64 32.80
N THR A 350 -6.89 11.28 34.08
CA THR A 350 -7.11 12.30 35.11
C THR A 350 -5.82 13.07 35.38
N GLN A 351 -4.66 12.41 35.36
CA GLN A 351 -3.43 13.18 35.53
C GLN A 351 -3.38 14.30 34.50
N ALA A 352 -3.82 13.99 33.25
CA ALA A 352 -3.61 14.93 32.16
C ALA A 352 -4.58 16.08 32.25
N ILE A 353 -5.82 15.79 32.66
CA ILE A 353 -6.79 16.85 32.92
C ILE A 353 -6.22 17.81 33.98
N GLN A 354 -5.66 17.25 35.05
CA GLN A 354 -5.15 18.07 36.14
C GLN A 354 -3.95 18.91 35.74
N LYS A 355 -3.11 18.38 34.86
CA LYS A 355 -1.94 19.11 34.42
C LYS A 355 -2.32 20.36 33.63
N TYR A 356 -3.34 20.27 32.80
CA TYR A 356 -3.67 21.36 31.87
C TYR A 356 -4.95 22.10 32.18
N ALA A 357 -5.73 21.58 33.12
CA ALA A 357 -6.94 22.28 33.54
C ALA A 357 -7.01 22.12 35.07
N PRO A 358 -6.11 22.84 35.77
CA PRO A 358 -5.92 22.64 37.21
C PRO A 358 -7.08 23.12 38.08
N SER A 359 -8.00 23.89 37.50
CA SER A 359 -9.16 24.37 38.21
C SER A 359 -10.04 23.22 38.72
N TYR A 360 -10.00 22.08 38.03
CA TYR A 360 -10.78 20.93 38.42
C TYR A 360 -10.14 20.28 39.64
N THR A 361 -10.94 20.06 40.68
CA THR A 361 -10.49 19.44 41.92
C THR A 361 -10.62 17.96 41.82
N ASP A 362 -10.04 17.24 42.77
CA ASP A 362 -10.12 15.79 42.78
C ASP A 362 -11.57 15.32 42.94
N GLY A 363 -12.30 15.99 43.82
CA GLY A 363 -13.68 15.61 44.12
C GLY A 363 -14.60 15.85 42.95
N GLN A 364 -14.33 16.92 42.21
CA GLN A 364 -15.13 17.25 41.04
C GLN A 364 -14.96 16.17 39.96
N LEU A 365 -13.71 15.78 39.68
CA LEU A 365 -13.43 14.77 38.68
C LEU A 365 -13.89 13.37 39.08
N SER A 366 -14.20 13.17 40.36
CA SER A 366 -14.77 11.89 40.81
C SER A 366 -16.29 11.90 40.93
N ASP A 367 -16.93 13.00 40.54
CA ASP A 367 -18.37 13.11 40.73
C ASP A 367 -19.13 13.03 39.39
N ASP A 368 -19.99 12.02 39.30
CA ASP A 368 -20.77 11.77 38.09
C ASP A 368 -21.58 12.98 37.70
N ALA A 369 -22.29 13.54 38.68
CA ALA A 369 -23.22 14.64 38.42
C ALA A 369 -22.45 15.88 37.94
N PHE A 370 -21.28 16.12 38.53
CA PHE A 370 -20.45 17.26 38.10
C PHE A 370 -19.98 17.06 36.68
N LEU A 371 -19.43 15.89 36.42
CA LEU A 371 -18.91 15.60 35.07
C LEU A 371 -20.00 15.79 33.99
N ARG A 372 -21.21 15.28 34.25
CA ARG A 372 -22.32 15.46 33.31
C ARG A 372 -22.68 16.93 33.09
N SER A 373 -22.84 17.71 34.16
CA SER A 373 -23.16 19.14 33.96
C SER A 373 -22.00 19.87 33.30
N GLU A 374 -20.77 19.53 33.68
CA GLU A 374 -19.63 20.19 33.08
C GLU A 374 -19.51 19.82 31.58
N LEU A 375 -19.78 18.56 31.25
CA LEU A 375 -19.78 18.15 29.85
C LEU A 375 -20.91 18.83 29.06
N LYS A 376 -22.11 18.89 29.64
CA LYS A 376 -23.21 19.63 29.02
C LYS A 376 -22.80 21.09 28.75
N ARG A 377 -22.15 21.72 29.73
CA ARG A 377 -21.68 23.10 29.57
C ARG A 377 -20.74 23.27 28.39
N LEU A 378 -19.88 22.29 28.17
CA LEU A 378 -18.88 22.37 27.09
C LEU A 378 -19.40 21.87 25.74
N GLY A 379 -20.67 21.51 25.66
CA GLY A 379 -21.30 21.14 24.40
C GLY A 379 -21.29 19.66 24.08
N VAL A 380 -20.95 18.82 25.06
CA VAL A 380 -21.01 17.37 24.90
C VAL A 380 -22.37 16.85 25.36
N ASP A 381 -23.18 16.35 24.42
CA ASP A 381 -24.47 15.72 24.76
C ASP A 381 -24.21 14.27 25.19
N VAL A 382 -24.47 13.98 26.46
CA VAL A 382 -24.12 12.68 27.02
C VAL A 382 -25.28 11.72 26.91
N THR A 383 -26.39 12.19 26.34
CA THR A 383 -27.57 11.38 26.09
C THR A 383 -27.42 10.62 24.77
N GLN A 384 -26.48 11.05 23.94
CA GLN A 384 -26.21 10.38 22.68
C GLN A 384 -25.82 8.90 22.88
N PRO A 385 -26.18 8.06 21.90
CA PRO A 385 -26.03 6.62 22.02
C PRO A 385 -24.58 6.12 22.18
N ALA A 386 -23.61 6.88 21.67
CA ALA A 386 -22.20 6.61 21.96
C ALA A 386 -21.94 6.50 23.47
N PHE A 387 -22.70 7.25 24.28
CA PHE A 387 -22.55 7.25 25.72
C PHE A 387 -23.50 6.29 26.45
N LEU A 388 -24.23 5.46 25.71
CA LEU A 388 -25.18 4.51 26.33
C LEU A 388 -24.54 3.70 27.47
N ASN A 389 -23.31 3.24 27.27
CA ASN A 389 -22.59 2.49 28.31
C ASN A 389 -21.51 3.31 29.07
N ALA A 390 -21.59 4.64 29.02
CA ALA A 390 -20.63 5.50 29.75
C ALA A 390 -20.69 5.28 31.26
N GLY A 391 -19.55 4.99 31.87
CA GLY A 391 -19.33 5.10 33.32
C GLY A 391 -18.47 6.31 33.64
N ILE A 392 -17.97 6.41 34.87
CA ILE A 392 -17.20 7.58 35.34
C ILE A 392 -15.94 7.81 34.46
N GLY A 393 -15.23 6.72 34.16
CA GLY A 393 -14.06 6.75 33.27
C GLY A 393 -14.34 7.40 31.92
N ALA A 394 -15.44 7.00 31.28
CA ALA A 394 -15.78 7.54 29.95
C ALA A 394 -16.06 9.04 30.05
N LEU A 395 -16.72 9.43 31.13
CA LEU A 395 -17.02 10.87 31.30
C LEU A 395 -15.71 11.62 31.44
N GLN A 396 -14.78 11.10 32.24
CA GLN A 396 -13.47 11.72 32.39
C GLN A 396 -12.78 11.84 31.04
N LEU A 397 -12.78 10.74 30.26
CA LEU A 397 -12.16 10.75 28.94
C LEU A 397 -12.76 11.86 28.09
N ALA A 398 -14.08 11.92 28.07
CA ALA A 398 -14.74 12.99 27.32
C ALA A 398 -14.31 14.38 27.81
N LEU A 399 -14.19 14.56 29.13
CA LEU A 399 -13.71 15.86 29.66
C LEU A 399 -12.28 16.12 29.24
N PHE A 400 -11.44 15.09 29.26
CA PHE A 400 -10.07 15.22 28.77
C PHE A 400 -10.03 15.66 27.31
N GLU A 401 -10.91 15.12 26.49
CA GLU A 401 -10.95 15.53 25.08
C GLU A 401 -11.30 17.01 24.91
N GLU A 402 -12.22 17.53 25.72
CA GLU A 402 -12.61 18.94 25.57
C GLU A 402 -11.64 19.94 26.23
N THR A 403 -10.80 19.47 27.16
CA THR A 403 -9.99 20.38 27.94
C THR A 403 -8.48 20.21 27.74
N ALA A 404 -7.98 19.00 27.76
CA ALA A 404 -6.53 18.81 27.81
C ALA A 404 -5.90 18.38 26.48
N GLU A 405 -6.63 17.53 25.75
CA GLU A 405 -6.06 16.82 24.59
C GLU A 405 -5.32 17.72 23.61
N ALA A 406 -5.97 18.80 23.14
CA ALA A 406 -5.32 19.73 22.20
C ALA A 406 -4.07 20.44 22.75
N GLN A 407 -3.83 20.35 24.05
CA GLN A 407 -2.68 21.01 24.65
C GLN A 407 -1.50 20.08 24.85
N LEU A 408 -1.63 18.84 24.39
CA LEU A 408 -0.53 17.89 24.49
C LEU A 408 0.50 18.15 23.41
N TRP A 409 1.32 19.17 23.65
CA TRP A 409 2.31 19.57 22.67
C TRP A 409 3.46 18.62 22.69
N GLU A 410 4.03 18.44 23.87
CA GLU A 410 5.15 17.54 24.00
C GLU A 410 4.64 16.11 23.91
N PRO A 411 5.44 15.22 23.30
CA PRO A 411 4.91 13.87 23.16
C PRO A 411 4.45 13.33 24.48
N THR A 412 3.20 12.90 24.53
CA THR A 412 2.57 12.39 25.73
C THR A 412 1.73 11.14 25.46
N PHE A 413 2.05 10.03 26.14
CA PHE A 413 1.17 8.85 26.16
C PHE A 413 0.10 9.05 27.22
N ILE A 414 -1.17 8.92 26.85
CA ILE A 414 -2.28 8.87 27.79
C ILE A 414 -2.59 7.40 27.97
N ILE A 415 -2.77 6.96 29.22
CA ILE A 415 -2.69 5.55 29.59
C ILE A 415 -3.89 5.07 30.41
N ASP A 416 -4.26 3.80 30.26
CA ASP A 416 -5.31 3.16 31.04
C ASP A 416 -6.72 3.72 30.74
N TYR A 417 -7.37 3.12 29.76
CA TYR A 417 -8.61 3.62 29.20
C TYR A 417 -9.81 2.80 29.72
N PRO A 418 -10.96 3.46 29.88
CA PRO A 418 -12.14 2.70 30.34
C PRO A 418 -12.57 1.63 29.35
N ILE A 419 -13.01 0.49 29.91
CA ILE A 419 -13.37 -0.69 29.13
C ILE A 419 -14.50 -0.38 28.15
N GLU A 420 -15.44 0.46 28.57
CA GLU A 420 -16.65 0.71 27.76
C GLU A 420 -16.36 1.38 26.42
N VAL A 421 -15.20 2.04 26.30
CA VAL A 421 -14.75 2.63 25.03
C VAL A 421 -13.55 1.88 24.40
N SER A 422 -13.19 0.72 24.94
CA SER A 422 -12.00 -0.01 24.48
C SER A 422 -12.36 -1.45 24.16
N PRO A 423 -13.26 -1.65 23.20
CA PRO A 423 -13.86 -2.95 22.98
C PRO A 423 -12.90 -4.04 22.48
N LEU A 424 -11.69 -3.65 22.02
CA LEU A 424 -10.76 -4.64 21.47
C LEU A 424 -9.52 -4.82 22.37
N ALA A 425 -9.51 -4.13 23.53
CA ALA A 425 -8.30 -4.00 24.37
C ALA A 425 -8.39 -4.90 25.59
N ARG A 426 -7.30 -5.56 25.93
CA ARG A 426 -7.25 -6.40 27.13
C ARG A 426 -7.51 -5.62 28.44
N GLU A 427 -8.38 -6.17 29.27
CA GLU A 427 -8.66 -5.62 30.59
C GLU A 427 -7.48 -5.82 31.55
N SER A 428 -7.21 -4.82 32.39
CA SER A 428 -6.23 -4.94 33.47
C SER A 428 -6.49 -6.17 34.35
N ASP A 429 -5.41 -6.74 34.87
CA ASP A 429 -5.54 -7.85 35.81
C ASP A 429 -5.82 -7.31 37.20
N THR A 430 -5.41 -6.07 37.49
CA THR A 430 -5.52 -5.54 38.86
C THR A 430 -6.64 -4.53 39.08
N VAL A 431 -7.02 -3.75 38.07
CA VAL A 431 -8.13 -2.80 38.20
C VAL A 431 -9.31 -3.06 37.22
N ALA A 432 -10.45 -3.48 37.77
CA ALA A 432 -11.62 -3.81 36.98
C ALA A 432 -12.14 -2.58 36.21
N GLY A 433 -12.54 -2.78 34.96
CA GLY A 433 -13.04 -1.67 34.12
C GLY A 433 -12.01 -0.81 33.40
N ILE A 434 -10.72 -1.10 33.58
CA ILE A 434 -9.63 -0.38 32.93
C ILE A 434 -8.93 -1.29 31.94
N THR A 435 -8.52 -0.76 30.80
CA THR A 435 -7.82 -1.56 29.79
C THR A 435 -6.38 -1.10 29.60
N GLU A 436 -5.54 -2.04 29.18
CA GLU A 436 -4.12 -1.77 28.95
C GLU A 436 -3.95 -1.16 27.59
N ARG A 437 -4.30 0.12 27.54
CA ARG A 437 -4.40 0.84 26.29
C ARG A 437 -3.77 2.22 26.40
N PHE A 438 -3.22 2.71 25.30
CA PHE A 438 -2.73 4.09 25.25
C PHE A 438 -3.08 4.78 23.95
N GLU A 439 -3.07 6.11 24.02
CA GLU A 439 -3.01 6.97 22.86
C GLU A 439 -1.80 7.88 23.00
N LEU A 440 -1.12 8.13 21.90
CA LEU A 440 0.01 9.06 21.84
C LEU A 440 -0.40 10.34 21.16
N PHE A 441 -0.18 11.47 21.84
CA PHE A 441 -0.40 12.79 21.28
C PHE A 441 0.92 13.57 21.21
N ILE A 442 1.12 14.26 20.08
CA ILE A 442 2.23 15.17 19.84
C ILE A 442 1.65 16.35 19.10
N THR A 443 2.02 17.56 19.50
CA THR A 443 1.44 18.83 18.95
C THR A 443 -0.09 18.88 19.06
N GLY A 444 -0.65 18.20 20.05
CA GLY A 444 -2.10 18.17 20.22
C GLY A 444 -2.88 17.23 19.28
N ARG A 445 -2.19 16.34 18.59
CA ARG A 445 -2.81 15.45 17.62
CA ARG A 445 -2.82 15.44 17.63
C ARG A 445 -2.48 14.01 17.94
N GLU A 446 -3.41 13.12 17.69
CA GLU A 446 -3.21 11.71 17.94
C GLU A 446 -2.26 11.18 16.87
N ILE A 447 -1.13 10.61 17.28
CA ILE A 447 -0.14 10.09 16.36
C ILE A 447 -0.12 8.56 16.43
N ALA A 448 -0.52 8.00 17.56
CA ALA A 448 -0.57 6.54 17.66
C ALA A 448 -1.59 6.10 18.66
N ASN A 449 -2.05 4.87 18.50
CA ASN A 449 -2.82 4.23 19.56
C ASN A 449 -2.67 2.73 19.57
N GLY A 450 -2.61 2.20 20.78
CA GLY A 450 -2.23 0.81 20.98
C GLY A 450 -2.74 0.18 22.24
N PHE A 451 -2.61 -1.13 22.30
CA PHE A 451 -3.05 -1.86 23.47
C PHE A 451 -2.60 -3.30 23.51
N SER A 452 -2.54 -3.81 24.73
CA SER A 452 -2.51 -5.26 24.97
C SER A 452 -3.77 -5.80 24.30
N GLU A 453 -3.63 -6.80 23.45
CA GLU A 453 -4.77 -7.26 22.69
C GLU A 453 -5.70 -8.20 23.50
N LEU A 454 -7.01 -8.00 23.31
CA LEU A 454 -8.00 -8.93 23.83
C LEU A 454 -7.96 -10.25 22.99
N ASN A 455 -7.43 -11.31 23.58
CA ASN A 455 -7.39 -12.58 22.94
C ASN A 455 -8.41 -13.54 23.51
N ASP A 456 -9.21 -13.10 24.47
CA ASP A 456 -10.25 -13.97 25.10
C ASP A 456 -11.53 -13.91 24.25
N PRO A 457 -11.88 -14.99 23.56
CA PRO A 457 -13.06 -14.93 22.68
C PRO A 457 -14.42 -14.64 23.36
N GLU A 458 -14.62 -15.12 24.57
CA GLU A 458 -15.89 -14.90 25.27
C GLU A 458 -16.01 -13.47 25.70
N ASP A 459 -14.92 -12.91 26.21
CA ASP A 459 -14.88 -11.48 26.59
C ASP A 459 -15.18 -10.66 25.32
N GLN A 460 -14.54 -11.01 24.23
CA GLN A 460 -14.69 -10.28 22.97
C GLN A 460 -16.13 -10.33 22.44
N ALA A 461 -16.75 -11.51 22.47
CA ALA A 461 -18.16 -11.65 22.11
C ALA A 461 -19.05 -10.74 22.96
N ALA A 462 -18.83 -10.77 24.27
CA ALA A 462 -19.59 -9.89 25.18
C ALA A 462 -19.39 -8.43 24.79
N ARG A 463 -18.15 -8.02 24.53
CA ARG A 463 -17.97 -6.59 24.25
C ARG A 463 -18.57 -6.20 22.90
N PHE A 464 -18.53 -7.12 21.93
CA PHE A 464 -19.23 -6.90 20.68
C PHE A 464 -20.74 -6.72 20.87
N LYS A 465 -21.35 -7.58 21.66
CA LYS A 465 -22.81 -7.44 21.91
C LYS A 465 -23.17 -6.06 22.50
N LYS A 466 -22.29 -5.55 23.34
CA LYS A 466 -22.48 -4.26 23.97
C LYS A 466 -22.34 -3.13 22.93
N GLN A 467 -21.43 -3.31 21.95
CA GLN A 467 -21.32 -2.37 20.83
C GLN A 467 -22.58 -2.39 19.97
N VAL A 468 -23.13 -3.59 19.74
CA VAL A 468 -24.34 -3.73 18.92
C VAL A 468 -25.51 -3.01 19.58
N GLU A 469 -25.60 -3.08 20.89
CA GLU A 469 -26.61 -2.28 21.62
C GLU A 469 -26.51 -0.82 21.26
N GLN A 470 -25.29 -0.28 21.34
CA GLN A 470 -25.08 1.13 21.03
C GLN A 470 -25.46 1.42 19.60
N LYS A 471 -25.11 0.51 18.71
CA LYS A 471 -25.41 0.67 17.30
C LYS A 471 -26.90 0.62 17.00
N ASP A 472 -27.58 -0.33 17.61
CA ASP A 472 -29.04 -0.36 17.53
C ASP A 472 -29.66 0.93 18.09
N ALA A 473 -29.04 1.58 19.08
CA ALA A 473 -29.59 2.84 19.64
C ALA A 473 -29.13 4.08 18.87
N GLY A 474 -28.41 3.89 17.78
CA GLY A 474 -28.10 5.00 16.84
C GLY A 474 -26.65 5.44 16.74
N ASP A 475 -25.76 4.73 17.46
CA ASP A 475 -24.33 5.07 17.44
C ASP A 475 -23.69 4.51 16.18
N GLU A 476 -23.48 5.38 15.20
CA GLU A 476 -23.02 4.95 13.89
C GLU A 476 -21.52 4.56 13.88
N GLU A 477 -20.80 4.84 14.97
CA GLU A 477 -19.40 4.43 15.10
C GLU A 477 -19.24 3.19 15.98
N ALA A 478 -20.36 2.60 16.40
CA ALA A 478 -20.35 1.38 17.20
C ALA A 478 -20.02 0.21 16.29
N MET A 479 -19.38 -0.82 16.86
CA MET A 479 -18.97 -1.95 16.06
C MET A 479 -20.09 -2.97 15.81
N PHE A 480 -20.01 -3.63 14.65
CA PHE A 480 -20.81 -4.82 14.31
C PHE A 480 -20.23 -6.06 15.01
N PHE A 481 -21.09 -7.05 15.24
CA PHE A 481 -20.64 -8.31 15.78
C PHE A 481 -19.97 -9.03 14.62
N ASP A 482 -18.72 -9.45 14.83
CA ASP A 482 -17.98 -10.20 13.81
C ASP A 482 -17.75 -11.65 14.24
N ALA A 483 -18.63 -12.55 13.77
CA ALA A 483 -18.63 -13.95 14.23
C ALA A 483 -17.42 -14.66 13.69
N ASP A 484 -17.04 -14.35 12.45
CA ASP A 484 -15.89 -14.99 11.85
C ASP A 484 -14.64 -14.62 12.69
N TYR A 485 -14.56 -13.38 13.14
CA TYR A 485 -13.43 -13.03 13.96
C TYR A 485 -13.42 -13.81 15.31
N ILE A 486 -14.59 -13.95 15.94
CA ILE A 486 -14.68 -14.69 17.18
C ILE A 486 -14.25 -16.13 16.96
N ARG A 487 -14.73 -16.72 15.89
CA ARG A 487 -14.31 -18.07 15.50
C ARG A 487 -12.78 -18.22 15.43
N ALA A 488 -12.13 -17.28 14.78
CA ALA A 488 -10.68 -17.25 14.70
C ALA A 488 -10.06 -17.22 16.07
N LEU A 489 -10.51 -16.34 16.96
CA LEU A 489 -10.00 -16.31 18.33
C LEU A 489 -10.21 -17.65 19.08
N GLU A 490 -11.30 -18.34 18.78
CA GLU A 490 -11.58 -19.57 19.48
C GLU A 490 -10.58 -20.68 19.10
N TYR A 491 -9.83 -20.51 18.00
CA TYR A 491 -8.74 -21.44 17.74
C TYR A 491 -7.56 -21.25 18.69
N GLY A 492 -7.55 -20.15 19.44
CA GLY A 492 -6.53 -19.90 20.41
C GLY A 492 -5.55 -18.88 19.89
N MET A 493 -5.57 -17.69 20.47
CA MET A 493 -4.68 -16.63 20.05
C MET A 493 -3.72 -16.32 21.18
N PRO A 494 -2.43 -16.28 20.88
CA PRO A 494 -1.50 -15.91 21.93
C PRO A 494 -1.67 -14.46 22.36
N PRO A 495 -1.24 -14.19 23.60
CA PRO A 495 -1.26 -12.83 24.07
C PRO A 495 -0.40 -12.03 23.12
N THR A 496 -0.85 -10.82 22.81
CA THR A 496 -0.25 -10.02 21.74
C THR A 496 -0.44 -8.54 22.07
N GLY A 497 0.45 -7.74 21.53
CA GLY A 497 0.39 -6.29 21.62
C GLY A 497 0.29 -5.71 20.21
N GLY A 498 -0.61 -4.74 20.06
CA GLY A 498 -0.86 -4.08 18.78
C GLY A 498 -0.90 -2.57 18.89
N CYS A 499 -0.50 -1.91 17.79
CA CYS A 499 -0.52 -0.46 17.70
C CYS A 499 -0.72 0.03 16.26
N GLY A 500 -1.41 1.16 16.15
CA GLY A 500 -1.58 1.86 14.87
C GLY A 500 -0.99 3.26 14.96
N ILE A 501 -0.14 3.58 14.00
CA ILE A 501 0.52 4.89 13.89
C ILE A 501 -0.04 5.61 12.68
N GLY A 502 -0.38 6.87 12.84
CA GLY A 502 -0.91 7.69 11.75
C GLY A 502 0.21 8.24 10.90
N ILE A 503 0.45 7.58 9.77
CA ILE A 503 1.60 7.90 8.94
C ILE A 503 1.48 9.34 8.41
N ASP A 504 0.28 9.71 7.96
CA ASP A 504 0.07 11.06 7.46
C ASP A 504 0.43 12.13 8.54
N ARG A 505 -0.02 11.93 9.75
CA ARG A 505 0.32 12.87 10.87
C ARG A 505 1.76 12.84 11.28
N LEU A 506 2.38 11.68 11.27
CA LEU A 506 3.79 11.63 11.52
C LEU A 506 4.53 12.45 10.47
N VAL A 507 4.14 12.29 9.21
CA VAL A 507 4.80 12.98 8.10
C VAL A 507 4.65 14.50 8.19
N MET A 508 3.50 14.93 8.68
CA MET A 508 3.29 16.35 8.94
C MET A 508 4.40 16.89 9.85
N LEU A 509 4.69 16.17 10.93
CA LEU A 509 5.68 16.64 11.88
C LEU A 509 7.05 16.70 11.22
N LEU A 510 7.35 15.71 10.39
CA LEU A 510 8.68 15.58 9.81
C LEU A 510 8.96 16.58 8.67
N THR A 511 7.90 17.21 8.16
CA THR A 511 7.98 18.09 7.03
C THR A 511 7.43 19.46 7.35
N ASP A 512 7.08 19.67 8.61
CA ASP A 512 6.49 20.95 9.06
C ASP A 512 5.28 21.36 8.21
N SER A 513 4.39 20.43 7.98
CA SER A 513 3.16 20.69 7.20
C SER A 513 2.03 20.98 8.16
N PRO A 514 1.27 22.06 7.92
CA PRO A 514 0.31 22.48 8.91
C PRO A 514 -0.97 21.67 8.90
N THR A 515 -1.33 21.07 7.76
CA THR A 515 -2.55 20.21 7.66
C THR A 515 -2.27 18.90 6.91
N ILE A 516 -3.13 17.92 7.14
CA ILE A 516 -3.04 16.62 6.48
C ILE A 516 -3.14 16.74 4.95
N ARG A 517 -3.88 17.71 4.46
CA ARG A 517 -3.95 17.95 3.04
C ARG A 517 -2.64 18.30 2.39
N ASP A 518 -1.71 18.82 3.19
CA ASP A 518 -0.42 19.18 2.69
C ASP A 518 0.52 17.99 2.57
N VAL A 519 0.14 16.84 3.15
CA VAL A 519 0.94 15.63 2.97
C VAL A 519 0.27 14.53 2.13
N LEU A 520 -0.79 14.90 1.41
CA LEU A 520 -1.47 14.00 0.49
C LEU A 520 -1.36 14.60 -0.91
N LEU A 521 -0.86 13.81 -1.87
CA LEU A 521 -0.71 14.31 -3.20
C LEU A 521 -2.03 14.83 -3.75
N PHE A 522 -3.12 14.03 -3.65
CA PHE A 522 -4.43 14.44 -4.18
C PHE A 522 -5.53 14.38 -3.09
N PRO A 523 -5.59 15.39 -2.22
CA PRO A 523 -6.69 15.37 -1.25
C PRO A 523 -8.04 15.35 -1.94
N HIS A 524 -8.98 14.70 -1.32
CA HIS A 524 -10.37 14.77 -1.73
C HIS A 524 -10.92 16.15 -1.49
N LEU A 525 -11.54 16.78 -2.47
CA LEU A 525 -12.26 18.06 -2.17
C LEU A 525 -13.73 18.08 -2.64
N ARG A 526 -14.46 19.01 -2.02
CA ARG A 526 -15.83 19.43 -2.33
C ARG A 526 -16.02 19.83 -3.80
N ARG A 527 -17.27 20.03 -4.21
CA ARG A 527 -17.56 20.54 -5.56
C ARG A 527 -17.59 22.08 -5.58
N ASP B 35 -20.61 -33.05 17.20
CA ASP B 35 -19.35 -33.82 17.54
C ASP B 35 -18.14 -32.88 17.66
N GLU B 36 -17.87 -32.08 16.62
CA GLU B 36 -16.97 -30.93 16.77
C GLU B 36 -17.56 -30.07 17.88
N ASN B 37 -18.89 -29.99 17.91
CA ASN B 37 -19.59 -29.31 18.98
C ASN B 37 -19.39 -29.83 20.40
N GLN B 38 -19.40 -31.15 20.56
CA GLN B 38 -19.16 -31.71 21.89
C GLN B 38 -17.71 -31.36 22.32
N ILE B 39 -16.76 -31.39 21.38
CA ILE B 39 -15.38 -31.08 21.69
C ILE B 39 -15.22 -29.63 22.15
N VAL B 40 -15.84 -28.71 21.40
CA VAL B 40 -15.83 -27.28 21.74
C VAL B 40 -16.38 -27.10 23.15
N ALA B 41 -17.54 -27.72 23.40
CA ALA B 41 -18.20 -27.61 24.70
C ALA B 41 -17.32 -28.14 25.83
N GLU B 42 -16.70 -29.27 25.60
CA GLU B 42 -15.81 -29.82 26.58
C GLU B 42 -14.64 -28.83 26.83
N ARG B 43 -14.06 -28.27 25.77
CA ARG B 43 -12.97 -27.32 25.93
C ARG B 43 -13.48 -26.04 26.62
N ARG B 44 -14.68 -25.61 26.27
CA ARG B 44 -15.25 -24.42 26.90
C ARG B 44 -15.44 -24.62 28.42
N ASP B 45 -15.75 -25.85 28.80
CA ASP B 45 -15.90 -26.16 30.20
C ASP B 45 -14.53 -26.14 30.93
N LYS B 46 -13.50 -26.60 30.27
CA LYS B 46 -12.14 -26.48 30.83
C LYS B 46 -11.76 -25.02 31.05
N LEU B 47 -12.10 -24.18 30.07
CA LEU B 47 -11.89 -22.73 30.18
C LEU B 47 -12.63 -22.16 31.42
N ARG B 48 -13.89 -22.55 31.59
CA ARG B 48 -14.63 -22.13 32.77
C ARG B 48 -13.85 -22.47 34.06
N ALA B 49 -13.37 -23.71 34.19
CA ALA B 49 -12.61 -24.12 35.40
C ALA B 49 -11.31 -23.31 35.54
N LEU B 50 -10.61 -23.16 34.43
CA LEU B 50 -9.43 -22.31 34.35
C LEU B 50 -9.67 -20.89 34.92
N ARG B 51 -10.79 -20.25 34.60
CA ARG B 51 -11.06 -18.91 35.16
C ARG B 51 -11.30 -18.90 36.67
N ASP B 52 -11.82 -19.97 37.23
CA ASP B 52 -12.02 -20.04 38.69
C ASP B 52 -10.70 -20.10 39.47
N GLN B 53 -9.63 -20.55 38.84
CA GLN B 53 -8.37 -20.71 39.53
C GLN B 53 -7.26 -19.72 39.14
N GLY B 54 -7.57 -18.70 38.34
CA GLY B 54 -6.55 -17.70 37.98
C GLY B 54 -6.85 -16.92 36.71
N ILE B 55 -5.81 -16.30 36.16
CA ILE B 55 -5.91 -15.50 34.97
C ILE B 55 -5.91 -16.46 33.75
N ALA B 56 -7.03 -16.56 33.03
CA ALA B 56 -7.16 -17.55 31.96
C ALA B 56 -6.30 -17.21 30.76
N TYR B 57 -6.13 -15.90 30.52
CA TYR B 57 -5.42 -15.40 29.36
C TYR B 57 -4.29 -14.49 29.77
N PRO B 58 -3.26 -15.05 30.43
CA PRO B 58 -2.20 -14.22 30.91
C PRO B 58 -1.39 -13.57 29.80
N ASN B 59 -0.85 -12.36 30.04
CA ASN B 59 0.01 -11.70 29.08
C ASN B 59 1.39 -11.28 29.63
N ASP B 60 1.87 -11.99 30.64
CA ASP B 60 3.14 -11.63 31.27
C ASP B 60 4.29 -12.53 30.83
N PHE B 61 4.04 -13.60 30.08
CA PHE B 61 5.15 -14.48 29.73
C PHE B 61 5.98 -13.89 28.62
N GLN B 62 7.30 -13.88 28.81
CA GLN B 62 8.20 -13.27 27.84
C GLN B 62 9.18 -14.32 27.30
N PRO B 63 8.91 -14.89 26.12
CA PRO B 63 9.89 -15.83 25.56
C PRO B 63 11.24 -15.17 25.36
N THR B 64 12.31 -15.96 25.47
CA THR B 64 13.66 -15.47 25.29
C THR B 64 14.29 -16.03 24.02
N HIS B 65 13.73 -17.10 23.45
CA HIS B 65 14.34 -17.76 22.30
C HIS B 65 13.34 -18.24 21.32
N HIS B 66 13.82 -18.59 20.13
CA HIS B 66 13.01 -19.14 19.07
C HIS B 66 13.44 -20.52 18.72
N ALA B 67 12.47 -21.42 18.58
CA ALA B 67 12.72 -22.82 18.24
C ALA B 67 13.70 -22.98 17.06
N ALA B 68 13.43 -22.30 15.95
CA ALA B 68 14.29 -22.43 14.75
C ALA B 68 15.76 -22.08 15.03
N ASP B 69 15.99 -21.04 15.85
CA ASP B 69 17.33 -20.58 16.15
C ASP B 69 18.05 -21.57 17.03
N LEU B 70 17.32 -22.22 17.93
CA LEU B 70 17.93 -23.25 18.76
C LEU B 70 18.26 -24.47 17.90
N GLN B 71 17.39 -24.81 16.97
CA GLN B 71 17.63 -25.97 16.11
C GLN B 71 18.86 -25.75 15.22
N THR B 72 19.07 -24.52 14.77
CA THR B 72 20.25 -24.20 13.95
C THR B 72 21.52 -24.14 14.80
N ALA B 73 21.48 -23.33 15.86
CA ALA B 73 22.66 -23.07 16.69
C ALA B 73 23.20 -24.29 17.40
N TYR B 74 22.37 -25.30 17.63
CA TYR B 74 22.79 -26.46 18.40
C TYR B 74 22.51 -27.75 17.64
N ALA B 75 22.45 -27.67 16.31
CA ALA B 75 22.35 -28.86 15.48
C ALA B 75 23.56 -29.80 15.73
N ASP B 76 24.76 -29.24 15.83
CA ASP B 76 26.00 -30.00 15.94
C ASP B 76 26.33 -30.49 17.36
N ALA B 77 25.59 -30.03 18.38
CA ALA B 77 25.92 -30.35 19.79
C ALA B 77 25.24 -31.63 20.29
N ASP B 78 25.83 -32.24 21.33
CA ASP B 78 25.35 -33.55 21.84
C ASP B 78 24.95 -33.51 23.34
N LYS B 79 24.44 -34.65 23.84
CA LYS B 79 23.89 -34.74 25.19
C LYS B 79 24.82 -34.13 26.26
N GLU B 80 26.11 -34.46 26.15
CA GLU B 80 27.12 -34.02 27.12
C GLU B 80 27.42 -32.53 26.92
N ALA B 81 27.65 -32.12 25.67
CA ALA B 81 27.87 -30.70 25.35
C ALA B 81 26.78 -29.86 26.02
N LEU B 82 25.53 -30.21 25.70
CA LEU B 82 24.37 -29.47 26.22
C LEU B 82 24.26 -29.48 27.75
N GLU B 83 24.61 -30.59 28.39
CA GLU B 83 24.59 -30.66 29.87
C GLU B 83 25.61 -29.70 30.51
N ALA B 84 26.75 -29.50 29.83
CA ALA B 84 27.79 -28.54 30.26
C ALA B 84 27.35 -27.10 30.08
N LYS B 85 27.02 -26.75 28.82
CA LYS B 85 26.42 -25.44 28.49
C LYS B 85 25.26 -25.14 29.43
N SER B 86 24.36 -26.12 29.60
CA SER B 86 23.26 -25.96 30.56
C SER B 86 22.43 -24.70 30.22
N LEU B 87 22.13 -24.50 28.94
CA LEU B 87 21.47 -23.27 28.47
C LEU B 87 20.00 -23.18 28.89
N GLU B 88 19.70 -22.15 29.66
CA GLU B 88 18.35 -21.85 30.11
C GLU B 88 17.62 -21.10 28.99
N VAL B 89 16.44 -21.63 28.60
CA VAL B 89 15.61 -21.04 27.55
C VAL B 89 14.16 -20.86 28.03
N ALA B 90 13.44 -19.98 27.33
CA ALA B 90 12.01 -19.78 27.56
C ALA B 90 11.29 -19.68 26.19
N ILE B 91 10.32 -20.56 25.97
CA ILE B 91 9.67 -20.77 24.67
C ILE B 91 8.14 -20.69 24.85
N ALA B 92 7.43 -20.08 23.90
CA ALA B 92 5.96 -20.11 23.88
C ALA B 92 5.53 -20.43 22.47
N GLY B 93 4.44 -21.21 22.31
CA GLY B 93 3.90 -21.55 21.02
C GLY B 93 2.70 -22.49 21.15
N ARG B 94 2.32 -23.07 20.02
CA ARG B 94 1.11 -23.87 19.94
C ARG B 94 1.48 -25.34 20.14
N MET B 95 0.76 -26.07 21.01
CA MET B 95 1.02 -27.49 21.23
C MET B 95 0.41 -28.27 20.09
N MET B 96 1.28 -28.88 19.27
CA MET B 96 0.85 -29.63 18.06
C MET B 96 0.74 -31.18 18.24
N LEU B 97 1.57 -31.78 19.10
CA LEU B 97 1.51 -33.21 19.38
C LEU B 97 1.86 -33.40 20.81
N LYS B 98 1.44 -34.53 21.36
CA LYS B 98 1.70 -34.83 22.74
C LYS B 98 1.84 -36.33 22.86
N ARG B 99 2.96 -36.80 23.39
CA ARG B 99 3.26 -38.23 23.54
C ARG B 99 3.34 -38.48 25.05
N VAL B 100 2.51 -39.38 25.55
CA VAL B 100 2.37 -39.58 26.99
C VAL B 100 2.81 -40.95 27.45
N MET B 101 3.65 -41.00 28.48
CA MET B 101 3.91 -42.26 29.21
C MET B 101 3.76 -42.14 30.72
N GLY B 102 3.96 -43.27 31.35
CA GLY B 102 3.79 -43.43 32.76
C GLY B 102 4.48 -42.43 33.64
N LYS B 103 5.69 -42.05 33.26
CA LYS B 103 6.56 -41.27 34.14
C LYS B 103 6.92 -39.87 33.60
N ALA B 104 6.38 -39.53 32.43
CA ALA B 104 6.90 -38.41 31.61
C ALA B 104 6.00 -38.18 30.41
N SER B 105 6.11 -36.98 29.86
CA SER B 105 5.35 -36.57 28.69
C SER B 105 6.23 -35.72 27.78
N PHE B 106 6.01 -35.82 26.47
CA PHE B 106 6.71 -35.01 25.46
C PHE B 106 5.59 -34.23 24.75
N ALA B 107 5.83 -32.94 24.51
CA ALA B 107 4.97 -32.12 23.64
C ALA B 107 5.77 -31.51 22.51
N THR B 108 5.16 -31.39 21.33
CA THR B 108 5.80 -30.70 20.24
C THR B 108 5.15 -29.33 20.18
N VAL B 109 5.96 -28.30 20.38
CA VAL B 109 5.44 -26.95 20.46
C VAL B 109 5.97 -26.15 19.28
N GLN B 110 5.07 -25.44 18.62
CA GLN B 110 5.38 -24.67 17.41
C GLN B 110 5.24 -23.21 17.66
N ASP B 111 6.35 -22.47 17.57
CA ASP B 111 6.32 -20.99 17.61
C ASP B 111 6.38 -20.45 16.19
N GLY B 112 6.52 -19.13 16.05
CA GLY B 112 6.56 -18.49 14.72
C GLY B 112 7.68 -18.99 13.81
N SER B 113 8.76 -19.51 14.42
CA SER B 113 9.98 -19.90 13.72
C SER B 113 10.05 -21.38 13.37
N GLY B 114 9.44 -22.23 14.21
CA GLY B 114 9.53 -23.68 14.05
C GLY B 114 9.08 -24.48 15.26
N GLN B 115 9.66 -25.68 15.38
CA GLN B 115 9.24 -26.67 16.37
C GLN B 115 10.37 -27.13 17.27
N ILE B 116 10.01 -27.37 18.54
CA ILE B 116 10.91 -27.91 19.54
C ILE B 116 10.07 -28.74 20.52
N GLN B 117 10.71 -29.71 21.16
CA GLN B 117 10.04 -30.57 22.12
C GLN B 117 10.14 -29.98 23.51
N PHE B 118 9.08 -30.16 24.29
CA PHE B 118 9.07 -29.91 25.73
C PHE B 118 9.03 -31.29 26.36
N PHE B 119 9.93 -31.54 27.32
CA PHE B 119 9.93 -32.76 28.09
C PHE B 119 9.45 -32.38 29.46
N VAL B 120 8.41 -33.09 29.92
CA VAL B 120 7.66 -32.73 31.10
C VAL B 120 7.62 -33.90 32.09
N THR B 121 8.18 -33.69 33.29
CA THR B 121 8.00 -34.61 34.41
C THR B 121 7.48 -33.85 35.64
N PRO B 122 6.67 -34.50 36.49
CA PRO B 122 6.18 -33.81 37.69
C PRO B 122 7.32 -33.48 38.66
N ALA B 123 8.38 -34.28 38.68
CA ALA B 123 9.58 -33.93 39.45
C ALA B 123 10.00 -32.46 39.25
N ASP B 124 9.99 -32.03 38.00
CA ASP B 124 10.63 -30.77 37.62
C ASP B 124 9.67 -29.59 37.46
N VAL B 125 8.41 -29.92 37.20
CA VAL B 125 7.36 -28.96 36.89
C VAL B 125 6.38 -28.94 38.08
N GLY B 126 6.44 -29.97 38.93
CA GLY B 126 5.54 -30.09 40.09
C GLY B 126 4.27 -30.89 39.76
N ALA B 127 3.77 -31.62 40.73
CA ALA B 127 2.67 -32.53 40.52
C ALA B 127 1.41 -31.81 40.05
N GLU B 128 1.08 -30.69 40.66
CA GLU B 128 -0.13 -29.95 40.34
C GLU B 128 -0.17 -29.48 38.86
N THR B 129 0.96 -28.99 38.39
CA THR B 129 1.10 -28.55 37.01
C THR B 129 1.05 -29.74 36.07
N TYR B 130 1.78 -30.79 36.43
CA TYR B 130 1.74 -32.02 35.62
C TYR B 130 0.32 -32.57 35.49
N ASP B 131 -0.43 -32.56 36.58
CA ASP B 131 -1.82 -33.03 36.50
C ASP B 131 -2.63 -32.12 35.59
N ALA B 132 -2.43 -30.80 35.67
CA ALA B 132 -3.22 -29.90 34.79
C ALA B 132 -2.83 -30.17 33.31
N PHE B 133 -1.53 -30.28 33.08
CA PHE B 133 -0.98 -30.49 31.75
C PHE B 133 -1.65 -31.65 31.04
N LYS B 134 -1.89 -32.73 31.75
CA LYS B 134 -2.48 -33.91 31.15
C LYS B 134 -3.84 -33.65 30.55
N LYS B 135 -4.53 -32.62 31.05
CA LYS B 135 -5.85 -32.25 30.53
C LYS B 135 -5.83 -31.03 29.53
N TRP B 136 -4.65 -30.53 29.18
CA TRP B 136 -4.53 -29.55 28.09
C TRP B 136 -4.74 -30.22 26.75
N ASP B 137 -4.90 -29.42 25.71
CA ASP B 137 -5.34 -29.91 24.40
C ASP B 137 -4.44 -29.49 23.25
N LEU B 138 -4.36 -30.34 22.24
CA LEU B 138 -3.71 -29.96 20.97
C LEU B 138 -4.35 -28.62 20.52
N GLY B 139 -3.51 -27.65 20.23
CA GLY B 139 -3.99 -26.34 19.84
C GLY B 139 -3.70 -25.30 20.89
N ASP B 140 -3.66 -25.71 22.16
CA ASP B 140 -3.47 -24.73 23.23
C ASP B 140 -2.14 -24.00 23.02
N ILE B 141 -2.11 -22.71 23.35
CA ILE B 141 -0.89 -21.96 23.40
C ILE B 141 -0.27 -22.16 24.81
N VAL B 142 0.98 -22.67 24.80
CA VAL B 142 1.66 -23.07 26.03
C VAL B 142 3.03 -22.43 26.07
N ALA B 143 3.65 -22.47 27.23
CA ALA B 143 4.93 -21.84 27.46
C ALA B 143 5.73 -22.64 28.51
N ALA B 144 7.05 -22.66 28.36
CA ALA B 144 7.94 -23.33 29.31
C ALA B 144 9.23 -22.55 29.46
N ARG B 145 9.79 -22.64 30.66
CA ARG B 145 11.20 -22.40 30.90
C ARG B 145 11.86 -23.72 31.25
N GLY B 146 13.15 -23.82 30.95
CA GLY B 146 13.89 -25.04 31.21
C GLY B 146 15.26 -25.07 30.56
N VAL B 147 15.95 -26.18 30.72
CA VAL B 147 17.30 -26.34 30.22
C VAL B 147 17.22 -27.05 28.88
N LEU B 148 18.04 -26.59 27.93
CA LEU B 148 18.08 -27.22 26.62
C LEU B 148 18.81 -28.54 26.77
N PHE B 149 18.39 -29.56 26.05
CA PHE B 149 19.07 -30.86 26.06
C PHE B 149 18.71 -31.69 24.84
N ARG B 150 19.38 -32.83 24.65
CA ARG B 150 19.06 -33.71 23.52
C ARG B 150 18.54 -35.03 24.07
N THR B 151 17.42 -35.50 23.52
CA THR B 151 16.85 -36.79 23.94
C THR B 151 17.62 -37.94 23.32
N ASN B 152 17.50 -39.11 23.92
CA ASN B 152 18.13 -40.31 23.37
C ASN B 152 17.76 -40.58 21.92
N LYS B 153 16.51 -40.27 21.54
CA LYS B 153 16.07 -40.40 20.14
C LYS B 153 16.65 -39.31 19.20
N GLY B 154 17.43 -38.37 19.75
CA GLY B 154 18.13 -37.35 18.96
C GLY B 154 17.52 -35.97 18.89
N GLU B 155 16.29 -35.79 19.40
CA GLU B 155 15.56 -34.52 19.28
C GLU B 155 16.05 -33.49 20.31
N LEU B 156 16.05 -32.25 19.89
CA LEU B 156 16.36 -31.13 20.76
C LEU B 156 15.11 -30.85 21.59
N SER B 157 15.28 -30.57 22.88
CA SER B 157 14.15 -30.44 23.76
C SER B 157 14.43 -29.54 24.97
N VAL B 158 13.36 -29.10 25.63
CA VAL B 158 13.44 -28.32 26.87
C VAL B 158 13.02 -29.20 28.05
N LYS B 159 13.92 -29.39 29.01
CA LYS B 159 13.57 -29.98 30.28
C LYS B 159 12.82 -28.93 31.09
N CYS B 160 11.50 -28.97 31.06
CA CYS B 160 10.71 -27.91 31.64
C CYS B 160 10.84 -27.87 33.14
N THR B 161 11.18 -26.69 33.66
CA THR B 161 11.07 -26.40 35.09
C THR B 161 9.87 -25.51 35.39
N GLN B 162 9.30 -24.91 34.37
CA GLN B 162 8.06 -24.18 34.50
C GLN B 162 7.26 -24.46 33.24
N LEU B 163 5.95 -24.64 33.40
CA LEU B 163 5.05 -24.95 32.28
C LEU B 163 3.70 -24.27 32.53
N ARG B 164 3.26 -23.47 31.56
CA ARG B 164 2.04 -22.70 31.71
C ARG B 164 1.17 -22.77 30.47
N LEU B 165 -0.13 -22.64 30.70
CA LEU B 165 -1.09 -22.49 29.63
C LEU B 165 -1.33 -20.99 29.44
N LEU B 166 -1.11 -20.48 28.25
CA LEU B 166 -1.28 -19.05 27.96
C LEU B 166 -2.64 -18.77 27.36
N ALA B 167 -3.13 -19.66 26.48
CA ALA B 167 -4.42 -19.45 25.82
C ALA B 167 -5.07 -20.79 25.40
N LYS B 168 -6.30 -21.01 25.88
CA LYS B 168 -7.01 -22.25 25.57
C LYS B 168 -7.49 -22.25 24.12
N ALA B 169 -7.18 -23.31 23.38
CA ALA B 169 -7.81 -23.54 22.08
C ALA B 169 -9.21 -24.22 22.31
N LEU B 170 -10.29 -23.50 22.00
CA LEU B 170 -11.63 -23.98 22.19
C LEU B 170 -12.08 -24.79 20.99
N ARG B 171 -11.53 -24.49 19.83
CA ARG B 171 -11.80 -25.25 18.64
C ARG B 171 -10.62 -26.09 18.29
N PRO B 172 -10.85 -27.35 17.92
CA PRO B 172 -9.72 -28.23 17.64
C PRO B 172 -9.13 -27.98 16.26
N LEU B 173 -7.84 -28.27 16.11
CA LEU B 173 -7.18 -28.24 14.83
C LEU B 173 -7.62 -29.43 14.03
N PRO B 174 -7.73 -29.30 12.70
CA PRO B 174 -8.09 -30.45 11.83
C PRO B 174 -6.89 -31.35 11.56
N ASP B 182 -13.22 -29.39 2.12
CA ASP B 182 -11.90 -29.07 2.66
C ASP B 182 -11.15 -28.07 1.75
N GLN B 183 -11.38 -28.13 0.44
CA GLN B 183 -10.57 -27.36 -0.53
C GLN B 183 -10.72 -25.81 -0.45
N GLU B 184 -11.86 -25.33 0.07
CA GLU B 184 -12.14 -23.88 0.18
C GLU B 184 -11.97 -23.32 1.62
N THR B 185 -11.91 -24.23 2.60
CA THR B 185 -11.64 -23.91 4.01
C THR B 185 -10.27 -23.22 4.18
N ARG B 186 -9.30 -23.66 3.41
CA ARG B 186 -7.98 -23.04 3.33
C ARG B 186 -8.16 -21.50 3.22
N TYR B 187 -9.09 -21.05 2.38
CA TYR B 187 -9.32 -19.63 2.12
C TYR B 187 -10.28 -18.94 3.11
N ARG B 188 -11.31 -19.64 3.57
CA ARG B 188 -12.21 -19.06 4.58
C ARG B 188 -11.59 -19.03 5.95
N GLN B 189 -10.60 -19.88 6.18
CA GLN B 189 -9.97 -19.96 7.45
C GLN B 189 -8.46 -20.08 7.22
N ARG B 190 -7.91 -19.06 6.57
CA ARG B 190 -6.47 -19.00 6.33
C ARG B 190 -5.64 -19.15 7.61
N TYR B 191 -6.17 -18.65 8.72
CA TYR B 191 -5.50 -18.83 10.00
C TYR B 191 -5.35 -20.32 10.35
N VAL B 192 -6.33 -21.15 10.03
CA VAL B 192 -6.18 -22.60 10.21
C VAL B 192 -5.12 -23.18 9.25
N ASP B 193 -5.20 -22.79 7.98
CA ASP B 193 -4.27 -23.26 6.98
C ASP B 193 -2.85 -22.90 7.35
N LEU B 194 -2.67 -21.69 7.90
CA LEU B 194 -1.33 -21.24 8.30
C LEU B 194 -0.75 -22.08 9.46
N ILE B 195 -1.58 -22.54 10.38
CA ILE B 195 -1.10 -23.33 11.54
C ILE B 195 -0.63 -24.68 11.06
N VAL B 196 -1.39 -25.24 10.14
CA VAL B 196 -1.35 -26.65 9.84
C VAL B 196 -0.53 -26.98 8.59
N THR B 197 -0.31 -26.01 7.71
CA THR B 197 0.36 -26.26 6.44
C THR B 197 1.60 -25.41 6.30
N PRO B 198 2.80 -26.01 6.47
CA PRO B 198 4.01 -25.18 6.39
C PRO B 198 4.25 -24.55 5.03
N GLU B 199 3.80 -25.21 3.96
CA GLU B 199 3.91 -24.67 2.61
C GLU B 199 3.23 -23.31 2.47
N THR B 200 2.10 -23.13 3.15
CA THR B 200 1.35 -21.88 3.08
C THR B 200 2.19 -20.77 3.69
N ARG B 201 2.75 -21.03 4.86
CA ARG B 201 3.62 -20.04 5.50
C ARG B 201 4.77 -19.63 4.58
N THR B 202 5.40 -20.63 3.96
CA THR B 202 6.49 -20.39 3.02
C THR B 202 6.05 -19.50 1.86
N THR B 203 4.90 -19.81 1.25
CA THR B 203 4.41 -18.99 0.15
C THR B 203 4.29 -17.52 0.54
N PHE B 204 3.70 -17.23 1.69
CA PHE B 204 3.48 -15.83 2.10
C PHE B 204 4.75 -15.10 2.58
N ARG B 205 5.68 -15.81 3.20
CA ARG B 205 6.97 -15.20 3.46
C ARG B 205 7.65 -14.86 2.17
N ALA B 206 7.52 -15.72 1.15
CA ALA B 206 8.12 -15.45 -0.15
C ALA B 206 7.42 -14.28 -0.90
N ARG B 207 6.12 -14.13 -0.75
CA ARG B 207 5.40 -12.99 -1.32
C ARG B 207 5.98 -11.70 -0.76
N THR B 208 6.09 -11.62 0.55
CA THR B 208 6.62 -10.45 1.22
C THR B 208 8.02 -10.13 0.74
N LYS B 209 8.89 -11.15 0.70
CA LYS B 209 10.28 -10.94 0.26
C LYS B 209 10.31 -10.46 -1.19
N ALA B 210 9.44 -11.03 -2.04
CA ALA B 210 9.44 -10.68 -3.46
C ALA B 210 9.04 -9.20 -3.67
N ILE B 211 8.07 -8.73 -2.88
CA ILE B 211 7.59 -7.38 -3.02
C ILE B 211 8.68 -6.44 -2.55
N ALA B 212 9.39 -6.78 -1.47
CA ALA B 212 10.52 -5.94 -1.02
C ALA B 212 11.60 -5.89 -2.09
N SER B 213 11.81 -7.00 -2.77
CA SER B 213 12.81 -7.08 -3.83
C SER B 213 12.37 -6.19 -5.01
N ILE B 214 11.09 -6.18 -5.31
CA ILE B 214 10.60 -5.31 -6.40
C ILE B 214 10.76 -3.83 -6.01
N ARG B 215 10.43 -3.46 -4.77
CA ARG B 215 10.63 -2.07 -4.30
C ARG B 215 12.07 -1.62 -4.44
N LYS B 216 12.99 -2.52 -4.08
CA LYS B 216 14.41 -2.23 -4.18
C LYS B 216 14.82 -2.01 -5.63
N PHE B 217 14.39 -2.89 -6.53
CA PHE B 217 14.67 -2.75 -7.95
C PHE B 217 14.17 -1.40 -8.49
N MET B 218 12.97 -1.01 -8.10
CA MET B 218 12.44 0.25 -8.56
C MET B 218 13.24 1.44 -8.00
N GLY B 219 13.55 1.37 -6.71
CA GLY B 219 14.32 2.44 -6.04
C GLY B 219 15.73 2.59 -6.63
N ASP B 220 16.38 1.47 -6.94
CA ASP B 220 17.69 1.52 -7.56
C ASP B 220 17.63 2.14 -8.93
N ALA B 221 16.50 2.04 -9.62
CA ALA B 221 16.33 2.65 -10.95
C ALA B 221 15.76 4.09 -10.82
N ASP B 222 15.84 4.66 -9.62
CA ASP B 222 15.45 6.06 -9.33
C ASP B 222 13.95 6.37 -9.39
N PHE B 223 13.09 5.39 -9.18
CA PHE B 223 11.66 5.66 -9.12
C PHE B 223 11.28 6.01 -7.69
N MET B 224 10.46 7.04 -7.58
CA MET B 224 9.93 7.51 -6.34
C MET B 224 8.59 6.80 -6.11
N GLU B 225 8.47 6.07 -5.01
CA GLU B 225 7.19 5.46 -4.64
C GLU B 225 6.19 6.52 -4.13
N VAL B 226 4.98 6.54 -4.68
CA VAL B 226 3.93 7.50 -4.30
C VAL B 226 2.59 6.84 -3.97
N GLU B 227 1.72 7.60 -3.32
CA GLU B 227 0.37 7.13 -2.96
C GLU B 227 -0.63 8.07 -3.61
N THR B 228 -1.46 7.52 -4.48
CA THR B 228 -2.54 8.27 -5.10
C THR B 228 -3.88 7.68 -4.58
N PRO B 229 -5.00 8.40 -4.83
CA PRO B 229 -6.27 8.05 -4.18
C PRO B 229 -6.79 6.72 -4.59
N MET B 230 -7.49 6.07 -3.67
CA MET B 230 -8.27 4.87 -3.99
C MET B 230 -9.77 5.14 -4.20
N LEU B 231 -10.17 6.35 -3.89
CA LEU B 231 -11.52 6.84 -4.19
C LEU B 231 -11.37 7.87 -5.26
N HIS B 232 -12.04 7.64 -6.38
CA HIS B 232 -12.00 8.52 -7.54
C HIS B 232 -13.38 9.07 -7.80
N PRO B 233 -13.49 10.37 -8.13
CA PRO B 233 -14.80 10.83 -8.50
C PRO B 233 -15.24 10.33 -9.86
N ILE B 234 -14.28 10.05 -10.71
CA ILE B 234 -14.53 9.48 -12.02
C ILE B 234 -13.55 8.34 -12.18
N PRO B 235 -14.05 7.11 -12.30
CA PRO B 235 -13.15 5.98 -12.46
C PRO B 235 -12.50 6.02 -13.86
N GLY B 236 -11.31 5.48 -13.98
CA GLY B 236 -10.61 5.42 -15.25
C GLY B 236 -9.26 4.76 -15.11
N GLY B 237 -8.55 4.69 -16.23
CA GLY B 237 -7.21 4.14 -16.30
C GLY B 237 -7.22 2.69 -16.68
N ALA B 238 -8.41 2.15 -16.85
CA ALA B 238 -8.55 0.76 -17.24
C ALA B 238 -9.93 0.52 -17.86
N ALA B 239 -10.09 -0.62 -18.51
CA ALA B 239 -11.36 -1.10 -18.99
C ALA B 239 -11.95 -2.05 -17.95
N ALA B 240 -12.81 -1.57 -17.06
CA ALA B 240 -13.37 -2.47 -16.06
C ALA B 240 -14.65 -1.93 -15.45
N LYS B 241 -15.50 -2.80 -14.90
CA LYS B 241 -16.67 -2.32 -14.09
C LYS B 241 -16.24 -1.91 -12.68
N PRO B 242 -16.56 -0.70 -12.28
CA PRO B 242 -16.18 -0.23 -10.98
C PRO B 242 -17.12 -0.63 -9.89
N PHE B 243 -16.63 -0.61 -8.65
CA PHE B 243 -17.45 -0.55 -7.43
C PHE B 243 -17.76 0.89 -7.17
N VAL B 244 -19.04 1.15 -6.81
CA VAL B 244 -19.59 2.48 -6.57
C VAL B 244 -19.87 2.66 -5.09
N THR B 245 -19.59 3.85 -4.59
CA THR B 245 -19.87 4.15 -3.21
C THR B 245 -20.32 5.60 -3.08
N HIS B 246 -20.44 6.08 -1.86
CA HIS B 246 -21.00 7.40 -1.61
C HIS B 246 -20.44 8.03 -0.38
N HIS B 247 -19.96 9.25 -0.52
CA HIS B 247 -19.54 10.04 0.62
C HIS B 247 -20.73 10.83 1.13
N ASN B 248 -21.15 10.55 2.35
CA ASN B 248 -22.42 11.15 2.85
C ASN B 248 -22.36 12.62 3.17
N ALA B 249 -21.30 13.06 3.82
CA ALA B 249 -21.25 14.47 4.23
C ALA B 249 -21.26 15.39 3.02
N LEU B 250 -20.60 15.00 1.94
CA LEU B 250 -20.50 15.82 0.75
C LEU B 250 -21.58 15.49 -0.28
N ASP B 251 -22.43 14.51 0.03
CA ASP B 251 -23.39 13.97 -0.93
C ASP B 251 -22.73 13.76 -2.29
N MET B 252 -21.68 12.97 -2.31
CA MET B 252 -20.88 12.78 -3.53
C MET B 252 -20.69 11.31 -3.88
N GLU B 253 -21.11 10.95 -5.06
CA GLU B 253 -20.82 9.65 -5.58
C GLU B 253 -19.30 9.51 -5.80
N MET B 254 -18.75 8.38 -5.39
CA MET B 254 -17.31 8.11 -5.56
CA MET B 254 -17.32 8.10 -5.59
C MET B 254 -17.17 6.67 -6.05
N PHE B 255 -16.02 6.35 -6.65
CA PHE B 255 -15.75 5.01 -7.16
C PHE B 255 -14.44 4.50 -6.60
N LEU B 256 -14.39 3.22 -6.28
CA LEU B 256 -13.15 2.62 -5.90
C LEU B 256 -12.32 2.48 -7.21
N ARG B 257 -11.02 2.77 -7.14
CA ARG B 257 -10.22 2.93 -8.33
C ARG B 257 -10.09 1.63 -9.09
N ILE B 258 -10.21 1.70 -10.40
CA ILE B 258 -9.88 0.56 -11.23
C ILE B 258 -8.42 0.64 -11.58
N ALA B 259 -7.82 1.81 -11.39
CA ALA B 259 -6.41 2.01 -11.72
C ALA B 259 -6.03 3.38 -11.32
N PRO B 260 -4.76 3.59 -10.97
CA PRO B 260 -4.26 4.91 -10.55
C PRO B 260 -3.65 5.74 -11.68
N GLU B 261 -3.63 5.17 -12.87
CA GLU B 261 -2.94 5.69 -14.04
C GLU B 261 -3.06 7.17 -14.27
N LEU B 262 -4.28 7.67 -14.28
CA LEU B 262 -4.50 9.08 -14.60
C LEU B 262 -3.95 10.02 -13.53
N TYR B 263 -3.93 9.55 -12.29
CA TYR B 263 -3.36 10.34 -11.20
C TYR B 263 -1.80 10.29 -11.24
N LEU B 264 -1.26 9.15 -11.62
CA LEU B 264 0.18 9.07 -11.78
C LEU B 264 0.64 10.01 -12.93
N LYS B 265 -0.13 10.10 -14.02
CA LYS B 265 0.33 10.92 -15.10
C LYS B 265 0.18 12.40 -14.73
N ARG B 266 -0.72 12.74 -13.83
CA ARG B 266 -0.78 14.11 -13.33
C ARG B 266 0.50 14.45 -12.61
N LEU B 267 1.08 13.50 -11.93
CA LEU B 267 2.36 13.74 -11.26
C LEU B 267 3.49 13.99 -12.27
N ILE B 268 3.46 13.31 -13.44
CA ILE B 268 4.44 13.58 -14.51
C ILE B 268 4.26 15.02 -15.03
N VAL B 269 3.01 15.46 -15.20
CA VAL B 269 2.78 16.86 -15.56
C VAL B 269 3.40 17.74 -14.49
N GLY B 270 3.23 17.35 -13.23
CA GLY B 270 3.77 18.11 -12.12
C GLY B 270 5.30 18.17 -12.08
N GLY B 271 5.95 17.27 -12.81
CA GLY B 271 7.38 17.34 -12.94
C GLY B 271 8.18 16.24 -12.28
N PHE B 272 7.55 15.36 -11.51
CA PHE B 272 8.25 14.16 -11.05
C PHE B 272 8.55 13.32 -12.34
N GLU B 273 9.79 12.91 -12.56
CA GLU B 273 10.11 12.13 -13.74
C GLU B 273 9.88 10.63 -13.64
N ARG B 274 10.05 10.08 -12.45
CA ARG B 274 9.93 8.63 -12.22
C ARG B 274 9.17 8.30 -10.96
N VAL B 275 7.97 7.79 -11.17
CA VAL B 275 7.05 7.50 -10.07
C VAL B 275 6.54 6.08 -10.20
N PHE B 276 6.30 5.44 -9.07
CA PHE B 276 5.62 4.14 -9.06
C PHE B 276 4.76 4.04 -7.83
N GLU B 277 3.78 3.13 -7.94
CA GLU B 277 2.84 2.87 -6.89
C GLU B 277 2.52 1.39 -6.92
N ILE B 278 2.50 0.76 -5.73
CA ILE B 278 2.13 -0.64 -5.55
C ILE B 278 0.95 -0.64 -4.59
N ASN B 279 -0.22 -1.00 -5.07
CA ASN B 279 -1.39 -0.99 -4.22
C ASN B 279 -2.57 -1.62 -4.95
N ARG B 280 -3.69 -1.63 -4.28
CA ARG B 280 -4.90 -2.34 -4.73
C ARG B 280 -5.62 -1.58 -5.86
N ASN B 281 -6.11 -2.36 -6.83
CA ASN B 281 -7.22 -1.93 -7.67
C ASN B 281 -8.47 -2.75 -7.32
N PHE B 282 -9.62 -2.26 -7.78
CA PHE B 282 -10.89 -2.91 -7.53
C PHE B 282 -11.70 -3.04 -8.81
N ARG B 283 -12.17 -4.25 -9.10
CA ARG B 283 -12.99 -4.49 -10.27
CA ARG B 283 -12.98 -4.54 -10.29
C ARG B 283 -14.22 -5.31 -9.89
N ASN B 284 -15.40 -4.76 -10.21
CA ASN B 284 -16.71 -5.33 -9.77
C ASN B 284 -17.22 -6.31 -10.79
N GLU B 285 -16.69 -7.52 -10.70
CA GLU B 285 -16.97 -8.57 -11.65
C GLU B 285 -16.94 -9.92 -10.92
N GLY B 286 -17.06 -11.01 -11.66
CA GLY B 286 -17.24 -12.33 -11.07
C GLY B 286 -16.04 -12.81 -10.29
N VAL B 287 -16.29 -13.57 -9.21
CA VAL B 287 -15.23 -14.26 -8.47
C VAL B 287 -15.09 -15.69 -9.06
N SER B 288 -13.84 -16.09 -9.28
CA SER B 288 -13.43 -17.41 -9.82
C SER B 288 -12.10 -17.75 -9.17
N PRO B 289 -11.60 -18.98 -9.42
CA PRO B 289 -10.25 -19.31 -8.94
C PRO B 289 -9.18 -18.37 -9.46
N ARG B 290 -9.40 -17.81 -10.65
CA ARG B 290 -8.46 -16.91 -11.30
C ARG B 290 -8.83 -15.40 -11.19
N HIS B 291 -9.81 -15.07 -10.34
CA HIS B 291 -10.30 -13.68 -10.20
C HIS B 291 -10.60 -13.33 -8.77
N ASN B 292 -10.14 -12.18 -8.35
CA ASN B 292 -10.50 -11.62 -7.05
C ASN B 292 -10.88 -10.17 -7.26
N PRO B 293 -11.87 -9.67 -6.54
CA PRO B 293 -12.34 -8.29 -6.78
C PRO B 293 -11.38 -7.20 -6.39
N GLU B 294 -10.40 -7.53 -5.56
CA GLU B 294 -9.32 -6.62 -5.30
C GLU B 294 -8.00 -7.33 -5.50
N PHE B 295 -7.02 -6.63 -6.09
CA PHE B 295 -5.75 -7.21 -6.42
C PHE B 295 -4.68 -6.15 -6.49
N THR B 296 -3.42 -6.56 -6.34
CA THR B 296 -2.29 -5.63 -6.24
C THR B 296 -1.57 -5.46 -7.58
N MET B 297 -1.55 -4.21 -8.06
CA MET B 297 -0.81 -3.81 -9.24
C MET B 297 0.34 -2.89 -8.86
N MET B 298 1.39 -2.98 -9.64
CA MET B 298 2.39 -1.94 -9.64
C MET B 298 2.28 -1.19 -10.94
N GLU B 299 2.13 0.14 -10.87
CA GLU B 299 2.25 0.99 -12.07
C GLU B 299 3.50 1.83 -11.91
N PHE B 300 4.23 2.03 -12.99
CA PHE B 300 5.33 2.97 -12.96
C PHE B 300 5.35 3.80 -14.25
N TYR B 301 5.81 5.05 -14.12
CA TYR B 301 5.89 6.01 -15.22
C TYR B 301 7.28 6.63 -15.22
N ALA B 302 7.87 6.68 -16.42
CA ALA B 302 9.22 7.28 -16.61
C ALA B 302 9.19 8.26 -17.78
N ALA B 303 9.24 9.55 -17.47
CA ALA B 303 9.39 10.60 -18.49
C ALA B 303 10.57 10.32 -19.45
N TYR B 304 10.38 10.68 -20.71
CA TYR B 304 11.41 10.58 -21.76
C TYR B 304 11.79 9.16 -22.08
N THR B 305 10.87 8.22 -21.88
CA THR B 305 11.01 6.85 -22.31
C THR B 305 9.85 6.47 -23.23
N ASP B 306 9.96 5.29 -23.87
CA ASP B 306 8.90 4.81 -24.74
C ASP B 306 8.71 3.32 -24.51
N TYR B 307 7.83 2.71 -25.31
CA TYR B 307 7.54 1.31 -25.11
C TYR B 307 8.70 0.32 -25.34
N ARG B 308 9.67 0.65 -26.18
CA ARG B 308 10.83 -0.24 -26.36
C ARG B 308 11.62 -0.26 -25.03
N TRP B 309 11.82 0.92 -24.47
CA TRP B 309 12.47 1.03 -23.16
C TRP B 309 11.70 0.30 -22.09
N LEU B 310 10.38 0.44 -22.09
CA LEU B 310 9.56 -0.20 -21.07
C LEU B 310 9.67 -1.73 -21.16
N MET B 311 9.68 -2.26 -22.36
CA MET B 311 9.80 -3.71 -22.55
C MET B 311 11.15 -4.19 -22.04
N ASP B 312 12.25 -3.51 -22.39
CA ASP B 312 13.53 -3.94 -21.86
C ASP B 312 13.55 -3.87 -20.34
N PHE B 313 12.96 -2.81 -19.78
CA PHE B 313 12.98 -2.60 -18.33
C PHE B 313 12.13 -3.63 -17.62
N THR B 314 10.95 -3.89 -18.15
CA THR B 314 10.04 -4.87 -17.54
C THR B 314 10.62 -6.29 -17.57
N GLU B 315 11.23 -6.65 -18.69
CA GLU B 315 11.92 -7.93 -18.87
C GLU B 315 13.01 -8.09 -17.83
N ARG B 316 13.90 -7.11 -17.71
CA ARG B 316 14.94 -7.13 -16.69
C ARG B 316 14.32 -7.27 -15.29
N LEU B 317 13.25 -6.51 -15.02
CA LEU B 317 12.66 -6.54 -13.65
C LEU B 317 12.18 -7.95 -13.29
N ILE B 318 11.46 -8.56 -14.21
CA ILE B 318 10.90 -9.87 -14.00
C ILE B 318 11.98 -10.94 -13.82
N ARG B 319 12.99 -10.92 -14.70
CA ARG B 319 14.09 -11.88 -14.61
C ARG B 319 14.82 -11.73 -13.28
N GLN B 320 15.15 -10.50 -12.90
CA GLN B 320 15.75 -10.27 -11.57
C GLN B 320 14.86 -10.71 -10.41
N ALA B 321 13.54 -10.58 -10.57
CA ALA B 321 12.62 -11.03 -9.54
C ALA B 321 12.75 -12.55 -9.34
N ALA B 322 12.85 -13.29 -10.43
CA ALA B 322 13.08 -14.73 -10.35
C ALA B 322 14.45 -15.07 -9.71
N VAL B 323 15.53 -14.41 -10.15
CA VAL B 323 16.85 -14.67 -9.56
C VAL B 323 16.79 -14.42 -8.05
N ASP B 324 16.19 -13.29 -7.67
CA ASP B 324 16.09 -12.93 -6.27
C ASP B 324 15.30 -13.97 -5.49
N ALA B 325 14.22 -14.49 -6.06
CA ALA B 325 13.33 -15.32 -5.29
C ALA B 325 13.77 -16.79 -5.29
N LEU B 326 14.31 -17.24 -6.44
CA LEU B 326 14.60 -18.64 -6.62
C LEU B 326 16.10 -18.97 -6.87
N GLY B 327 16.96 -17.95 -6.94
CA GLY B 327 18.38 -18.15 -7.21
C GLY B 327 18.68 -18.33 -8.70
N THR B 328 17.66 -18.30 -9.55
CA THR B 328 17.86 -18.52 -10.97
C THR B 328 16.63 -18.06 -11.76
N ALA B 329 16.82 -17.74 -13.04
CA ALA B 329 15.71 -17.37 -13.94
C ALA B 329 15.21 -18.56 -14.73
N THR B 330 15.94 -19.66 -14.65
CA THR B 330 15.53 -20.91 -15.27
C THR B 330 14.81 -21.65 -14.17
N ILE B 331 13.47 -21.58 -14.18
CA ILE B 331 12.66 -22.10 -13.09
C ILE B 331 11.63 -23.08 -13.64
N GLN B 332 10.71 -23.48 -12.78
CA GLN B 332 9.66 -24.41 -13.17
C GLN B 332 8.35 -23.85 -12.63
N TYR B 333 7.26 -24.02 -13.36
CA TYR B 333 5.94 -23.65 -12.87
C TYR B 333 4.95 -24.78 -13.14
N GLN B 334 4.30 -25.24 -12.09
CA GLN B 334 3.36 -26.35 -12.16
C GLN B 334 3.88 -27.58 -12.93
N GLY B 335 5.11 -27.97 -12.64
CA GLY B 335 5.71 -29.18 -13.21
C GLY B 335 6.32 -29.02 -14.60
N ARG B 336 6.36 -27.79 -15.12
CA ARG B 336 6.86 -27.54 -16.46
C ARG B 336 7.97 -26.49 -16.44
N GLU B 337 8.99 -26.68 -17.28
CA GLU B 337 10.11 -25.75 -17.29
C GLU B 337 9.66 -24.38 -17.80
N LEU B 338 10.10 -23.34 -17.11
CA LEU B 338 9.81 -21.95 -17.47
C LEU B 338 11.12 -21.19 -17.43
N ASP B 339 11.66 -20.93 -18.61
CA ASP B 339 12.98 -20.34 -18.69
C ASP B 339 12.90 -18.82 -18.92
N LEU B 340 13.00 -18.08 -17.83
CA LEU B 340 12.99 -16.64 -17.90
C LEU B 340 14.37 -16.09 -18.22
N ALA B 341 15.38 -16.96 -18.26
CA ALA B 341 16.74 -16.54 -18.62
C ALA B 341 16.85 -16.17 -20.09
N GLN B 342 16.08 -16.85 -20.95
CA GLN B 342 16.09 -16.55 -22.38
C GLN B 342 15.53 -15.17 -22.64
N PRO B 343 15.96 -14.53 -23.74
CA PRO B 343 15.31 -13.28 -24.11
C PRO B 343 13.83 -13.53 -24.35
N PHE B 344 12.99 -12.57 -24.00
CA PHE B 344 11.54 -12.72 -24.12
C PHE B 344 11.20 -12.63 -25.59
N HIS B 345 10.23 -13.42 -26.05
CA HIS B 345 9.75 -13.28 -27.42
C HIS B 345 9.08 -11.94 -27.56
N ARG B 346 9.13 -11.39 -28.76
CA ARG B 346 8.46 -10.15 -29.10
C ARG B 346 7.75 -10.33 -30.43
N LEU B 347 6.42 -10.38 -30.41
CA LEU B 347 5.63 -10.74 -31.58
C LEU B 347 4.48 -9.74 -31.77
N THR B 348 4.07 -9.57 -33.03
CA THR B 348 2.87 -8.79 -33.34
C THR B 348 1.68 -9.71 -33.05
N ILE B 349 0.50 -9.12 -32.97
CA ILE B 349 -0.70 -9.89 -32.73
C ILE B 349 -0.89 -10.97 -33.78
N THR B 350 -0.78 -10.62 -35.07
CA THR B 350 -0.93 -11.63 -36.16
C THR B 350 0.24 -12.63 -36.17
N GLN B 351 1.46 -12.17 -35.89
CA GLN B 351 2.56 -13.15 -35.74
C GLN B 351 2.19 -14.23 -34.75
N ALA B 352 1.54 -13.84 -33.64
CA ALA B 352 1.29 -14.78 -32.54
C ALA B 352 0.20 -15.76 -32.89
N ILE B 353 -0.83 -15.28 -33.57
CA ILE B 353 -1.87 -16.16 -34.09
C ILE B 353 -1.24 -17.21 -35.02
N GLN B 354 -0.36 -16.76 -35.91
CA GLN B 354 0.28 -17.68 -36.88
C GLN B 354 1.20 -18.69 -36.23
N LYS B 355 1.87 -18.29 -35.15
CA LYS B 355 2.79 -19.20 -34.47
C LYS B 355 2.05 -20.39 -33.85
N TYR B 356 0.86 -20.16 -33.33
CA TYR B 356 0.14 -21.25 -32.63
C TYR B 356 -0.93 -21.91 -33.52
N ALA B 357 -1.37 -21.19 -34.53
CA ALA B 357 -2.32 -21.70 -35.52
C ALA B 357 -1.78 -21.38 -36.92
N PRO B 358 -0.86 -22.21 -37.44
CA PRO B 358 -0.17 -21.91 -38.72
C PRO B 358 -1.06 -22.00 -39.97
N SER B 359 -2.27 -22.51 -39.81
CA SER B 359 -3.26 -22.50 -40.88
C SER B 359 -3.57 -21.12 -41.45
N TYR B 360 -3.51 -20.08 -40.61
CA TYR B 360 -4.01 -18.78 -41.00
C TYR B 360 -3.01 -18.05 -41.89
N THR B 361 -3.50 -17.60 -43.05
CA THR B 361 -2.66 -16.92 -44.02
C THR B 361 -2.69 -15.44 -43.72
N ASP B 362 -1.78 -14.71 -44.34
CA ASP B 362 -1.69 -13.29 -44.13
C ASP B 362 -2.97 -12.60 -44.62
N GLY B 363 -3.49 -13.03 -45.77
CA GLY B 363 -4.69 -12.46 -46.35
C GLY B 363 -5.94 -12.72 -45.54
N GLN B 364 -6.02 -13.90 -44.94
CA GLN B 364 -7.14 -14.24 -44.07
C GLN B 364 -7.16 -13.31 -42.88
N LEU B 365 -6.02 -13.15 -42.23
CA LEU B 365 -5.92 -12.32 -41.03
C LEU B 365 -6.09 -10.83 -41.31
N SER B 366 -6.01 -10.41 -42.57
CA SER B 366 -6.32 -9.00 -42.91
C SER B 366 -7.69 -8.86 -43.62
N ASP B 367 -8.54 -9.88 -43.56
CA ASP B 367 -9.88 -9.78 -44.15
C ASP B 367 -10.99 -9.68 -43.10
N ASP B 368 -11.72 -8.58 -43.14
CA ASP B 368 -12.79 -8.31 -42.18
C ASP B 368 -13.81 -9.45 -42.11
N ALA B 369 -14.28 -9.86 -43.28
CA ALA B 369 -15.37 -10.85 -43.37
C ALA B 369 -14.88 -12.21 -42.83
N PHE B 370 -13.63 -12.56 -43.13
CA PHE B 370 -13.07 -13.80 -42.61
C PHE B 370 -12.98 -13.77 -41.09
N LEU B 371 -12.42 -12.68 -40.57
CA LEU B 371 -12.25 -12.54 -39.11
C LEU B 371 -13.60 -12.66 -38.39
N ARG B 372 -14.63 -12.00 -38.91
CA ARG B 372 -15.96 -12.08 -38.30
C ARG B 372 -16.53 -13.48 -38.31
N SER B 373 -16.46 -14.15 -39.46
CA SER B 373 -17.00 -15.51 -39.54
C SER B 373 -16.17 -16.45 -38.66
N GLU B 374 -14.87 -16.24 -38.66
CA GLU B 374 -14.01 -17.06 -37.82
C GLU B 374 -14.29 -16.80 -36.32
N LEU B 375 -14.52 -15.55 -35.95
CA LEU B 375 -14.91 -15.24 -34.57
C LEU B 375 -16.30 -15.81 -34.23
N LYS B 376 -17.29 -15.68 -35.13
CA LYS B 376 -18.63 -16.31 -34.95
C LYS B 376 -18.46 -17.82 -34.71
N ARG B 377 -17.63 -18.46 -35.53
CA ARG B 377 -17.36 -19.89 -35.38
C ARG B 377 -16.83 -20.25 -34.00
N LEU B 378 -15.97 -19.41 -33.43
CA LEU B 378 -15.37 -19.71 -32.11
C LEU B 378 -16.22 -19.22 -30.92
N GLY B 379 -17.40 -18.68 -31.19
CA GLY B 379 -18.33 -18.29 -30.13
C GLY B 379 -18.16 -16.87 -29.60
N VAL B 380 -17.45 -16.01 -30.33
CA VAL B 380 -17.27 -14.61 -29.94
C VAL B 380 -18.34 -13.69 -30.56
N ASP B 381 -19.12 -12.99 -29.71
CA ASP B 381 -20.15 -12.06 -30.20
C ASP B 381 -19.59 -10.66 -30.49
N VAL B 382 -19.53 -10.32 -31.77
CA VAL B 382 -18.87 -9.09 -32.22
C VAL B 382 -19.89 -7.94 -32.34
N THR B 383 -21.14 -8.26 -32.00
CA THR B 383 -22.23 -7.29 -32.03
C THR B 383 -22.29 -6.56 -30.70
N GLN B 384 -21.62 -7.12 -29.68
CA GLN B 384 -21.55 -6.47 -28.40
C GLN B 384 -20.93 -5.06 -28.49
N PRO B 385 -21.40 -4.14 -27.64
CA PRO B 385 -20.97 -2.73 -27.70
C PRO B 385 -19.47 -2.47 -27.49
N ALA B 386 -18.78 -3.34 -26.76
CA ALA B 386 -17.32 -3.30 -26.71
C ALA B 386 -16.69 -3.22 -28.13
N PHE B 387 -17.34 -3.87 -29.10
CA PHE B 387 -16.87 -3.90 -30.48
C PHE B 387 -17.48 -2.83 -31.39
N LEU B 388 -18.23 -1.88 -30.82
CA LEU B 388 -18.86 -0.81 -31.60
C LEU B 388 -17.86 -0.12 -32.54
N ASN B 389 -16.67 0.19 -32.04
CA ASN B 389 -15.62 0.83 -32.85
C ASN B 389 -14.52 -0.14 -33.34
N ALA B 390 -14.82 -1.44 -33.35
CA ALA B 390 -13.90 -2.43 -33.91
C ALA B 390 -13.60 -2.17 -35.38
N GLY B 391 -12.32 -2.04 -35.71
CA GLY B 391 -11.81 -2.20 -37.09
C GLY B 391 -11.09 -3.53 -37.21
N ILE B 392 -10.30 -3.71 -38.26
CA ILE B 392 -9.61 -4.98 -38.47
C ILE B 392 -8.69 -5.40 -37.30
N GLY B 393 -7.93 -4.43 -36.80
CA GLY B 393 -7.04 -4.65 -35.68
C GLY B 393 -7.73 -5.27 -34.49
N ALA B 394 -8.87 -4.72 -34.10
CA ALA B 394 -9.57 -5.21 -32.91
C ALA B 394 -10.04 -6.62 -33.18
N LEU B 395 -10.46 -6.89 -34.40
CA LEU B 395 -10.92 -8.24 -34.71
C LEU B 395 -9.77 -9.22 -34.58
N GLN B 396 -8.59 -8.85 -35.10
CA GLN B 396 -7.39 -9.68 -34.95
C GLN B 396 -7.09 -9.94 -33.48
N LEU B 397 -7.11 -8.88 -32.68
CA LEU B 397 -6.87 -9.02 -31.24
C LEU B 397 -7.85 -10.02 -30.65
N ALA B 398 -9.14 -9.84 -30.93
CA ALA B 398 -10.12 -10.80 -30.43
C ALA B 398 -9.81 -12.24 -30.88
N LEU B 399 -9.40 -12.43 -32.14
CA LEU B 399 -9.02 -13.78 -32.60
C LEU B 399 -7.82 -14.30 -31.83
N PHE B 400 -6.85 -13.42 -31.59
CA PHE B 400 -5.68 -13.78 -30.79
C PHE B 400 -6.06 -14.22 -29.41
N GLU B 401 -7.03 -13.53 -28.81
CA GLU B 401 -7.50 -13.93 -27.46
C GLU B 401 -8.10 -15.32 -27.47
N GLU B 402 -8.84 -15.67 -28.51
CA GLU B 402 -9.50 -16.98 -28.54
C GLU B 402 -8.59 -18.13 -29.03
N THR B 403 -7.46 -17.82 -29.67
CA THR B 403 -6.63 -18.86 -30.28
C THR B 403 -5.21 -18.97 -29.72
N ALA B 404 -4.50 -17.87 -29.57
CA ALA B 404 -3.08 -17.93 -29.21
C ALA B 404 -2.77 -17.60 -27.75
N GLU B 405 -3.52 -16.67 -27.15
CA GLU B 405 -3.18 -16.08 -25.87
C GLU B 405 -2.86 -17.08 -24.77
N ALA B 406 -3.78 -18.01 -24.52
CA ALA B 406 -3.58 -19.03 -23.48
C ALA B 406 -2.40 -19.97 -23.74
N GLN B 407 -1.84 -19.94 -24.94
CA GLN B 407 -0.72 -20.83 -25.28
C GLN B 407 0.63 -20.15 -25.14
N LEU B 408 0.63 -18.88 -24.73
CA LEU B 408 1.89 -18.14 -24.55
C LEU B 408 2.56 -18.54 -23.25
N TRP B 409 3.21 -19.69 -23.27
CA TRP B 409 3.85 -20.23 -22.10
C TRP B 409 5.12 -19.48 -21.83
N GLU B 410 5.95 -19.40 -22.84
CA GLU B 410 7.22 -18.72 -22.72
C GLU B 410 7.00 -17.22 -22.72
N PRO B 411 7.79 -16.48 -21.92
CA PRO B 411 7.49 -15.05 -21.84
C PRO B 411 7.46 -14.42 -23.22
N THR B 412 6.35 -13.76 -23.54
CA THR B 412 6.12 -13.20 -24.86
C THR B 412 5.48 -11.83 -24.75
N PHE B 413 6.15 -10.81 -25.28
CA PHE B 413 5.52 -9.50 -25.48
C PHE B 413 4.72 -9.53 -26.77
N ILE B 414 3.45 -9.16 -26.71
CA ILE B 414 2.63 -8.93 -27.89
C ILE B 414 2.61 -7.42 -28.11
N ILE B 415 2.79 -6.99 -29.34
CA ILE B 415 3.21 -5.62 -29.64
C ILE B 415 2.36 -4.95 -30.73
N ASP B 416 2.24 -3.64 -30.64
CA ASP B 416 1.51 -2.82 -31.63
C ASP B 416 0.00 -3.09 -31.69
N TYR B 417 -0.75 -2.37 -30.86
CA TYR B 417 -2.14 -2.65 -30.61
C TYR B 417 -3.02 -1.67 -31.39
N PRO B 418 -4.22 -2.11 -31.78
CA PRO B 418 -5.12 -1.15 -32.44
C PRO B 418 -5.56 0.01 -31.54
N ILE B 419 -5.67 1.18 -32.17
CA ILE B 419 -6.02 2.39 -31.47
C ILE B 419 -7.38 2.27 -30.76
N GLU B 420 -8.34 1.58 -31.39
CA GLU B 420 -9.71 1.54 -30.90
C GLU B 420 -9.86 0.84 -29.55
N VAL B 421 -8.88 0.01 -29.19
CA VAL B 421 -8.83 -0.62 -27.88
C VAL B 421 -7.66 -0.11 -26.97
N SER B 422 -6.98 0.96 -27.40
CA SER B 422 -5.84 1.52 -26.68
C SER B 422 -6.01 3.00 -26.44
N PRO B 423 -7.04 3.36 -25.67
CA PRO B 423 -7.46 4.76 -25.57
C PRO B 423 -6.47 5.68 -24.87
N LEU B 424 -5.47 5.12 -24.19
CA LEU B 424 -4.53 5.95 -23.41
C LEU B 424 -3.10 5.88 -23.97
N ALA B 425 -2.93 5.15 -25.10
CA ALA B 425 -1.60 4.84 -25.65
C ALA B 425 -1.28 5.74 -26.82
N ARG B 426 -0.04 6.20 -26.89
CA ARG B 426 0.41 6.99 -28.01
C ARG B 426 0.31 6.25 -29.36
N GLU B 427 -0.18 6.96 -30.35
CA GLU B 427 -0.24 6.46 -31.74
C GLU B 427 1.14 6.43 -32.38
N SER B 428 1.39 5.37 -33.14
CA SER B 428 2.61 5.29 -33.96
C SER B 428 2.78 6.55 -34.83
N ASP B 429 4.03 6.91 -35.10
CA ASP B 429 4.34 8.02 -36.00
C ASP B 429 4.24 7.54 -37.45
N THR B 430 4.48 6.25 -37.70
CA THR B 430 4.56 5.76 -39.07
C THR B 430 3.35 4.95 -39.54
N VAL B 431 2.62 4.27 -38.65
CA VAL B 431 1.42 3.52 -39.05
C VAL B 431 0.14 3.96 -38.35
N ALA B 432 -0.75 4.57 -39.11
CA ALA B 432 -2.00 5.09 -38.59
C ALA B 432 -2.85 3.96 -38.00
N GLY B 433 -3.49 4.23 -36.86
CA GLY B 433 -4.37 3.24 -36.24
C GLY B 433 -3.69 2.23 -35.33
N ILE B 434 -2.37 2.30 -35.22
CA ILE B 434 -1.59 1.43 -34.36
C ILE B 434 -1.02 2.23 -33.19
N THR B 435 -0.99 1.64 -31.99
CA THR B 435 -0.41 2.31 -30.85
C THR B 435 0.88 1.59 -30.38
N GLU B 436 1.76 2.38 -29.78
CA GLU B 436 3.01 1.89 -29.19
C GLU B 436 2.70 1.28 -27.81
N ARG B 437 2.15 0.06 -27.87
CA ARG B 437 1.66 -0.62 -26.72
C ARG B 437 2.07 -2.10 -26.72
N PHE B 438 2.24 -2.66 -25.53
CA PHE B 438 2.44 -4.10 -25.40
C PHE B 438 1.66 -4.70 -24.25
N GLU B 439 1.45 -6.01 -24.36
CA GLU B 439 1.08 -6.83 -23.22
C GLU B 439 2.12 -7.96 -23.10
N LEU B 440 2.47 -8.31 -21.87
CA LEU B 440 3.38 -9.41 -21.58
C LEU B 440 2.60 -10.60 -21.03
N PHE B 441 2.76 -11.76 -21.69
CA PHE B 441 2.15 -13.01 -21.25
C PHE B 441 3.24 -14.01 -20.88
N ILE B 442 3.03 -14.73 -19.78
CA ILE B 442 3.88 -15.82 -19.30
C ILE B 442 2.92 -16.87 -18.75
N THR B 443 3.17 -18.14 -19.07
CA THR B 443 2.29 -19.25 -18.69
C THR B 443 0.84 -19.02 -19.13
N GLY B 444 0.65 -18.28 -20.23
CA GLY B 444 -0.70 -18.01 -20.75
C GLY B 444 -1.50 -16.92 -20.01
N ARG B 445 -0.83 -16.17 -19.13
CA ARG B 445 -1.53 -15.16 -18.33
C ARG B 445 -0.87 -13.78 -18.54
N GLU B 446 -1.66 -12.73 -18.49
CA GLU B 446 -1.14 -11.40 -18.60
C GLU B 446 -0.38 -11.05 -17.31
N ILE B 447 0.90 -10.70 -17.43
CA ILE B 447 1.76 -10.34 -16.30
C ILE B 447 2.08 -8.84 -16.34
N ALA B 448 2.03 -8.24 -17.53
CA ALA B 448 2.29 -6.83 -17.61
C ALA B 448 1.63 -6.22 -18.81
N ASN B 449 1.41 -4.90 -18.73
CA ASN B 449 1.02 -4.15 -19.91
C ASN B 449 1.42 -2.70 -19.86
N GLY B 450 1.88 -2.23 -21.01
CA GLY B 450 2.50 -0.93 -21.08
C GLY B 450 2.40 -0.22 -22.39
N PHE B 451 2.75 1.05 -22.36
CA PHE B 451 2.81 1.81 -23.58
C PHE B 451 3.53 3.16 -23.46
N SER B 452 3.96 3.64 -24.62
CA SER B 452 4.27 5.06 -24.81
C SER B 452 3.03 5.82 -24.46
N GLU B 453 3.12 6.79 -23.56
CA GLU B 453 1.92 7.46 -23.08
C GLU B 453 1.36 8.53 -24.04
N LEU B 454 0.04 8.57 -24.17
CA LEU B 454 -0.63 9.63 -24.90
C LEU B 454 -0.58 10.92 -24.10
N ASN B 455 0.28 11.84 -24.52
CA ASN B 455 0.39 13.14 -23.87
C ASN B 455 -0.32 14.24 -24.65
N ASP B 456 -0.93 13.91 -25.78
CA ASP B 456 -1.63 14.88 -26.63
C ASP B 456 -3.06 15.04 -26.10
N PRO B 457 -3.38 16.18 -25.51
CA PRO B 457 -4.72 16.34 -24.95
C PRO B 457 -5.90 16.27 -25.96
N GLU B 458 -5.72 16.74 -27.20
CA GLU B 458 -6.81 16.73 -28.19
C GLU B 458 -7.07 15.34 -28.63
N ASP B 459 -6.01 14.58 -28.86
CA ASP B 459 -6.14 13.16 -29.21
C ASP B 459 -6.90 12.45 -28.05
N GLN B 460 -6.49 12.75 -26.81
CA GLN B 460 -7.05 12.09 -25.65
C GLN B 460 -8.52 12.39 -25.47
N ALA B 461 -8.89 13.66 -25.62
CA ALA B 461 -10.31 14.08 -25.59
C ALA B 461 -11.12 13.28 -26.66
N ALA B 462 -10.58 13.21 -27.87
CA ALA B 462 -11.26 12.50 -28.95
C ALA B 462 -11.44 11.03 -28.57
N ARG B 463 -10.41 10.40 -28.03
CA ARG B 463 -10.53 8.96 -27.76
C ARG B 463 -11.49 8.71 -26.61
N PHE B 464 -11.53 9.62 -25.64
CA PHE B 464 -12.51 9.55 -24.57
C PHE B 464 -13.93 9.63 -25.10
N LYS B 465 -14.20 10.56 -26.03
CA LYS B 465 -15.56 10.68 -26.60
C LYS B 465 -15.99 9.40 -27.30
N LYS B 466 -15.04 8.73 -27.93
CA LYS B 466 -15.30 7.45 -28.60
C LYS B 466 -15.60 6.34 -27.55
N GLN B 467 -14.92 6.37 -26.40
CA GLN B 467 -15.25 5.48 -25.30
C GLN B 467 -16.68 5.74 -24.79
N VAL B 468 -17.06 7.01 -24.68
CA VAL B 468 -18.38 7.36 -24.16
C VAL B 468 -19.48 6.85 -25.11
N GLU B 469 -19.23 6.89 -26.40
CA GLU B 469 -20.14 6.25 -27.35
C GLU B 469 -20.40 4.78 -27.00
N GLN B 470 -19.30 4.03 -26.81
CA GLN B 470 -19.41 2.61 -26.48
C GLN B 470 -20.17 2.42 -25.19
N LYS B 471 -19.89 3.29 -24.22
CA LYS B 471 -20.53 3.22 -22.93
C LYS B 471 -22.02 3.51 -23.04
N ASP B 472 -22.36 4.57 -23.76
CA ASP B 472 -23.75 4.85 -24.03
C ASP B 472 -24.45 3.66 -24.75
N ALA B 473 -23.75 2.92 -25.60
CA ALA B 473 -24.36 1.76 -26.27
C ALA B 473 -24.28 0.45 -25.44
N GLY B 474 -23.85 0.53 -24.17
CA GLY B 474 -23.98 -0.59 -23.24
C GLY B 474 -22.68 -1.26 -22.78
N ASP B 475 -21.54 -0.77 -23.26
CA ASP B 475 -20.24 -1.32 -22.87
C ASP B 475 -19.88 -0.84 -21.49
N GLU B 476 -20.05 -1.69 -20.49
CA GLU B 476 -19.84 -1.31 -19.10
C GLU B 476 -18.37 -1.16 -18.72
N GLU B 477 -17.46 -1.58 -19.59
CA GLU B 477 -16.02 -1.43 -19.35
C GLU B 477 -15.44 -0.23 -20.07
N ALA B 478 -16.27 0.53 -20.77
CA ALA B 478 -15.78 1.69 -21.54
C ALA B 478 -15.52 2.82 -20.58
N MET B 479 -14.61 3.70 -20.95
CA MET B 479 -14.18 4.76 -20.08
C MET B 479 -15.13 5.94 -20.09
N PHE B 480 -15.19 6.63 -18.94
CA PHE B 480 -15.83 7.91 -18.79
C PHE B 480 -14.90 9.00 -19.33
N PHE B 481 -15.48 10.11 -19.76
CA PHE B 481 -14.72 11.27 -20.12
C PHE B 481 -14.25 11.90 -18.82
N ASP B 482 -12.94 12.15 -18.71
CA ASP B 482 -12.36 12.79 -17.52
C ASP B 482 -11.78 14.18 -17.88
N ALA B 483 -12.57 15.24 -17.59
CA ALA B 483 -12.23 16.60 -18.00
C ALA B 483 -11.06 17.12 -17.20
N ASP B 484 -11.02 16.79 -15.92
CA ASP B 484 -9.94 17.23 -15.06
C ASP B 484 -8.63 16.62 -15.59
N TYR B 485 -8.67 15.38 -16.04
CA TYR B 485 -7.46 14.80 -16.56
C TYR B 485 -7.00 15.51 -17.82
N ILE B 486 -7.94 15.82 -18.72
CA ILE B 486 -7.61 16.55 -19.96
C ILE B 486 -7.01 17.90 -19.63
N ARG B 487 -7.61 18.62 -18.69
CA ARG B 487 -7.06 19.87 -18.20
C ARG B 487 -5.58 19.79 -17.74
N ALA B 488 -5.25 18.75 -16.99
CA ALA B 488 -3.88 18.46 -16.60
C ALA B 488 -2.99 18.30 -17.82
N LEU B 489 -3.42 17.52 -18.79
CA LEU B 489 -2.58 17.34 -19.99
C LEU B 489 -2.41 18.64 -20.77
N GLU B 490 -3.40 19.51 -20.73
CA GLU B 490 -3.29 20.77 -21.42
C GLU B 490 -2.23 21.68 -20.83
N TYR B 491 -1.76 21.43 -19.59
CA TYR B 491 -0.61 22.19 -19.06
C TYR B 491 0.69 21.80 -19.71
N GLY B 492 0.68 20.69 -20.45
CA GLY B 492 1.87 20.20 -21.10
C GLY B 492 2.44 19.02 -20.34
N MET B 493 2.35 17.83 -20.92
CA MET B 493 2.95 16.65 -20.32
C MET B 493 4.08 16.17 -21.19
N PRO B 494 5.23 15.91 -20.57
CA PRO B 494 6.33 15.37 -21.39
C PRO B 494 6.06 13.97 -21.86
N PRO B 495 6.70 13.61 -22.97
CA PRO B 495 6.56 12.26 -23.48
C PRO B 495 7.05 11.35 -22.39
N THR B 496 6.36 10.21 -22.22
CA THR B 496 6.53 9.36 -21.06
C THR B 496 6.19 7.96 -21.44
N GLY B 497 6.73 7.02 -20.69
CA GLY B 497 6.42 5.62 -20.83
C GLY B 497 5.90 5.07 -19.52
N GLY B 498 4.82 4.28 -19.61
CA GLY B 498 4.15 3.70 -18.44
C GLY B 498 3.86 2.22 -18.60
N CYS B 499 3.87 1.53 -17.48
CA CYS B 499 3.59 0.11 -17.43
C CYS B 499 2.94 -0.30 -16.12
N GLY B 500 2.07 -1.28 -16.20
CA GLY B 500 1.51 -1.91 -15.03
C GLY B 500 1.84 -3.39 -15.00
N ILE B 501 2.33 -3.85 -13.87
CA ILE B 501 2.67 -5.25 -13.64
C ILE B 501 1.72 -5.85 -12.62
N GLY B 502 1.21 -7.03 -12.91
CA GLY B 502 0.33 -7.73 -11.98
C GLY B 502 1.13 -8.44 -10.92
N ILE B 503 1.23 -7.84 -9.74
CA ILE B 503 2.07 -8.35 -8.67
C ILE B 503 1.58 -9.73 -8.27
N ASP B 504 0.28 -9.88 -8.09
CA ASP B 504 -0.26 -11.15 -7.62
C ASP B 504 0.12 -12.27 -8.58
N ARG B 505 -0.03 -12.03 -9.88
CA ARG B 505 0.39 -13.03 -10.89
C ARG B 505 1.89 -13.25 -10.97
N LEU B 506 2.68 -12.20 -10.84
CA LEU B 506 4.11 -12.40 -10.75
C LEU B 506 4.43 -13.31 -9.57
N VAL B 507 3.81 -13.07 -8.40
CA VAL B 507 4.13 -13.81 -7.19
C VAL B 507 3.73 -15.28 -7.32
N MET B 508 2.65 -15.55 -8.06
CA MET B 508 2.28 -16.90 -8.41
C MET B 508 3.42 -17.65 -9.08
N LEU B 509 4.05 -17.01 -10.06
CA LEU B 509 5.14 -17.66 -10.77
C LEU B 509 6.31 -17.91 -9.83
N LEU B 510 6.55 -16.96 -8.93
CA LEU B 510 7.74 -17.02 -8.11
C LEU B 510 7.63 -18.03 -6.97
N THR B 511 6.41 -18.44 -6.67
CA THR B 511 6.11 -19.30 -5.53
C THR B 511 5.48 -20.59 -6.00
N ASP B 512 5.35 -20.77 -7.32
CA ASP B 512 4.72 -21.95 -7.90
C ASP B 512 3.32 -22.19 -7.34
N SER B 513 2.52 -21.13 -7.28
CA SER B 513 1.12 -21.22 -6.82
C SER B 513 0.19 -21.34 -8.04
N PRO B 514 -0.80 -22.24 -7.99
CA PRO B 514 -1.62 -22.48 -9.19
C PRO B 514 -2.66 -21.45 -9.46
N THR B 515 -3.15 -20.78 -8.42
CA THR B 515 -4.19 -19.75 -8.60
C THR B 515 -3.88 -18.48 -7.81
N ILE B 516 -4.50 -17.38 -8.20
CA ILE B 516 -4.33 -16.09 -7.52
C ILE B 516 -4.77 -16.19 -6.01
N ARG B 517 -5.75 -17.02 -5.72
CA ARG B 517 -6.23 -17.21 -4.36
C ARG B 517 -5.18 -17.81 -3.43
N ASP B 518 -4.20 -18.47 -4.01
CA ASP B 518 -3.15 -19.04 -3.24
C ASP B 518 -2.09 -18.02 -2.89
N VAL B 519 -2.11 -16.85 -3.52
CA VAL B 519 -1.15 -15.78 -3.14
C VAL B 519 -1.80 -14.56 -2.46
N LEU B 520 -3.08 -14.70 -2.04
CA LEU B 520 -3.76 -13.68 -1.28
C LEU B 520 -4.08 -14.24 0.13
N LEU B 521 -3.66 -13.53 1.19
CA LEU B 521 -3.89 -14.02 2.55
C LEU B 521 -5.35 -14.27 2.80
N PHE B 522 -6.22 -13.34 2.40
CA PHE B 522 -7.65 -13.50 2.59
C PHE B 522 -8.46 -13.32 1.29
N PRO B 523 -8.56 -14.36 0.47
CA PRO B 523 -9.36 -14.18 -0.76
C PRO B 523 -10.80 -13.90 -0.46
N HIS B 524 -11.45 -13.15 -1.33
CA HIS B 524 -12.86 -12.80 -1.25
C HIS B 524 -13.71 -14.04 -1.30
N LEU B 525 -14.79 -14.10 -0.51
CA LEU B 525 -15.80 -15.18 -0.60
C LEU B 525 -16.10 -15.67 -2.04
N ARG B 526 -16.23 -16.98 -2.20
CA ARG B 526 -16.83 -17.59 -3.40
C ARG B 526 -17.99 -18.45 -2.99
N ARG B 527 -19.01 -18.61 -3.85
CA ARG B 527 -20.11 -19.57 -3.60
C ARG B 527 -20.07 -20.74 -4.59
N LYS C . -7.09 -0.42 14.68
CA LYS C . -6.59 0.70 15.39
C LYS C . -7.01 2.02 14.71
O LYS C . -6.62 3.08 15.23
CB LYS C . -5.06 0.60 15.50
CG LYS C . -4.55 -0.61 16.24
CD LYS C . -5.05 -0.70 17.67
CE LYS C . -4.47 -1.90 18.41
NZ LYS C . -5.01 -3.25 18.04
OXT LYS C . -7.75 2.05 13.67
N LYS D . -3.50 1.29 -16.06
CA LYS D . -2.98 0.07 -16.64
C LYS D . -3.73 -1.15 -16.10
O LYS D . -4.61 -1.05 -15.23
CB LYS D . -1.47 -0.09 -16.38
CG LYS D . -0.57 0.99 -16.93
CD LYS D . -0.69 1.13 -18.47
CE LYS D . 0.24 2.20 -19.03
NZ LYS D . -0.18 3.63 -18.79
OXT LYS D . -3.49 -2.26 -16.55
#